data_7ZOB
#
_entry.id   7ZOB
#
_cell.length_a   97.484
_cell.length_b   128.899
_cell.length_c   97.259
_cell.angle_alpha   90.000
_cell.angle_beta   90.020
_cell.angle_gamma   90.000
#
_symmetry.space_group_name_H-M   'C 1 2 1'
#
loop_
_entity.id
_entity.type
_entity.pdbx_description
1 polymer 'Metagenomic cytidine deaminase Cdd'
2 non-polymer 'ZINC ION'
3 non-polymer (4S)-2-METHYL-2,4-PENTANEDIOL
4 non-polymer 'SULFATE ION'
5 water water
#
_entity_poly.entity_id   1
_entity_poly.type   'polypeptide(L)'
_entity_poly.pdbx_seq_one_letter_code
;MNKEDLLKKAFEAMENAYAPYSNYHVGACALMKDGTTFLGANIENASYGATNCGERSAIFAAYSNGYRADDIEALAIVTD
GDRVGAPCGICRQVLSELLNDNTPIYLSNGKETLEKTIDELLPMRFTKEDLLGHHHHHHG
;
_entity_poly.pdbx_strand_id   A,B,C,D,E,F,G,H
#
# COMPACT_ATOMS: atom_id res chain seq x y z
N MET A 1 7.00 -34.78 -8.47
CA MET A 1 5.88 -34.10 -7.84
C MET A 1 4.86 -33.69 -8.90
N ASN A 2 3.58 -33.87 -8.59
CA ASN A 2 2.52 -33.54 -9.54
C ASN A 2 2.09 -32.08 -9.39
N LYS A 3 1.20 -31.65 -10.28
CA LYS A 3 0.78 -30.26 -10.34
C LYS A 3 0.04 -29.83 -9.08
N GLU A 4 -0.87 -30.69 -8.58
CA GLU A 4 -1.64 -30.34 -7.40
C GLU A 4 -0.73 -30.20 -6.19
N ASP A 5 0.27 -31.07 -6.06
CA ASP A 5 1.18 -31.00 -4.93
C ASP A 5 2.12 -29.79 -5.03
N LEU A 6 2.49 -29.40 -6.25
CA LEU A 6 3.30 -28.19 -6.40
C LEU A 6 2.49 -26.96 -6.02
N LEU A 7 1.23 -26.89 -6.45
CA LEU A 7 0.37 -25.79 -6.02
C LEU A 7 0.23 -25.75 -4.51
N LYS A 8 0.10 -26.92 -3.86
CA LYS A 8 0.04 -26.94 -2.40
C LYS A 8 1.28 -26.32 -1.77
N LYS A 9 2.46 -26.59 -2.34
CA LYS A 9 3.66 -25.94 -1.81
C LYS A 9 3.60 -24.43 -1.99
N ALA A 10 3.10 -23.96 -3.13
CA ALA A 10 2.97 -22.51 -3.31
C ALA A 10 1.99 -21.91 -2.30
N PHE A 11 0.91 -22.64 -1.98
CA PHE A 11 -0.02 -22.11 -0.97
C PHE A 11 0.62 -22.08 0.40
N GLU A 12 1.49 -23.04 0.70
N GLU A 12 1.50 -23.04 0.69
CA GLU A 12 2.28 -22.98 1.93
CA GLU A 12 2.28 -22.99 1.93
C GLU A 12 3.18 -21.75 1.94
C GLU A 12 3.18 -21.76 1.94
N ALA A 13 3.86 -21.48 0.83
CA ALA A 13 4.69 -20.30 0.74
C ALA A 13 3.89 -19.02 0.94
N MET A 14 2.66 -18.99 0.44
N MET A 14 2.65 -19.00 0.44
CA MET A 14 1.84 -17.79 0.54
CA MET A 14 1.83 -17.81 0.55
C MET A 14 1.62 -17.39 2.00
C MET A 14 1.62 -17.40 2.00
N GLU A 15 1.57 -18.38 2.90
CA GLU A 15 1.40 -18.07 4.32
C GLU A 15 2.65 -17.47 4.94
N ASN A 16 3.78 -17.50 4.22
CA ASN A 16 4.99 -16.88 4.72
C ASN A 16 5.21 -15.46 4.21
N ALA A 17 4.27 -14.93 3.44
CA ALA A 17 4.46 -13.61 2.85
C ALA A 17 4.65 -12.55 3.93
N TYR A 18 5.44 -11.54 3.60
CA TYR A 18 5.67 -10.38 4.45
C TYR A 18 5.09 -9.19 3.70
N ALA A 19 3.84 -8.85 3.99
CA ALA A 19 3.14 -7.80 3.26
C ALA A 19 2.44 -6.88 4.25
N PRO A 20 3.20 -6.18 5.10
CA PRO A 20 2.56 -5.33 6.11
C PRO A 20 1.82 -4.15 5.54
N TYR A 21 2.10 -3.76 4.29
CA TYR A 21 1.53 -2.55 3.71
C TYR A 21 0.28 -2.88 2.90
N SER A 22 0.36 -3.81 1.96
CA SER A 22 -0.80 -4.14 1.15
C SER A 22 -1.68 -5.19 1.75
N ASN A 23 -1.15 -6.03 2.63
CA ASN A 23 -1.83 -7.25 3.09
C ASN A 23 -2.16 -8.23 1.96
N TYR A 24 -1.55 -8.09 0.77
CA TYR A 24 -1.83 -8.97 -0.36
C TYR A 24 -0.73 -10.04 -0.38
N HIS A 25 -1.13 -11.31 -0.30
CA HIS A 25 -0.16 -12.40 -0.14
C HIS A 25 -0.02 -13.18 -1.43
N VAL A 26 1.22 -13.44 -1.83
CA VAL A 26 1.51 -14.27 -2.99
C VAL A 26 2.46 -15.37 -2.56
N GLY A 27 2.20 -16.61 -2.98
CA GLY A 27 3.14 -17.68 -2.78
C GLY A 27 3.62 -18.27 -4.09
N ALA A 28 4.82 -18.85 -4.07
CA ALA A 28 5.38 -19.46 -5.26
C ALA A 28 6.22 -20.64 -4.83
N CYS A 29 6.36 -21.60 -5.74
CA CYS A 29 7.28 -22.70 -5.50
C CYS A 29 7.93 -23.07 -6.83
N ALA A 30 9.25 -23.06 -6.85
CA ALA A 30 10.01 -23.52 -8.01
C ALA A 30 10.43 -24.98 -7.76
N LEU A 31 10.11 -25.86 -8.70
CA LEU A 31 10.41 -27.27 -8.58
C LEU A 31 11.56 -27.61 -9.52
N MET A 32 12.63 -28.18 -8.99
CA MET A 32 13.77 -28.63 -9.77
C MET A 32 13.55 -30.05 -10.29
N LYS A 33 14.25 -30.39 -11.37
CA LYS A 33 14.15 -31.73 -11.93
C LYS A 33 14.61 -32.80 -10.95
N ASP A 34 15.54 -32.45 -10.08
CA ASP A 34 16.01 -33.41 -9.08
C ASP A 34 15.04 -33.55 -7.90
N GLY A 35 13.90 -32.83 -7.90
CA GLY A 35 12.90 -32.91 -6.85
C GLY A 35 12.98 -31.83 -5.81
N THR A 36 14.07 -31.06 -5.78
CA THR A 36 14.22 -29.99 -4.80
C THR A 36 13.18 -28.91 -5.07
N THR A 37 12.62 -28.35 -4.00
CA THR A 37 11.71 -27.23 -4.12
C THR A 37 12.28 -25.99 -3.44
N PHE A 38 11.90 -24.83 -3.97
CA PHE A 38 12.25 -23.55 -3.38
C PHE A 38 10.97 -22.74 -3.22
N LEU A 39 10.61 -22.41 -1.98
CA LEU A 39 9.49 -21.53 -1.74
C LEU A 39 9.85 -20.07 -2.00
N GLY A 40 8.84 -19.29 -2.37
CA GLY A 40 9.02 -17.85 -2.47
C GLY A 40 7.75 -17.17 -2.04
N ALA A 41 7.88 -16.03 -1.38
CA ALA A 41 6.74 -15.23 -1.02
C ALA A 41 7.08 -13.77 -1.24
N ASN A 42 6.06 -12.94 -1.39
CA ASN A 42 6.31 -11.51 -1.54
C ASN A 42 6.78 -10.90 -0.23
N ILE A 43 7.73 -9.97 -0.36
N ILE A 43 7.66 -9.91 -0.36
CA ILE A 43 8.37 -9.30 0.76
CA ILE A 43 8.35 -9.30 0.78
C ILE A 43 8.32 -7.80 0.47
C ILE A 43 8.40 -7.80 0.56
N GLU A 44 7.50 -7.08 1.22
CA GLU A 44 7.33 -5.64 1.05
C GLU A 44 8.38 -4.86 1.85
N ASN A 45 8.47 -3.56 1.54
CA ASN A 45 9.36 -2.63 2.23
C ASN A 45 8.64 -1.30 2.35
N ALA A 46 8.95 -0.58 3.43
CA ALA A 46 8.39 0.74 3.64
C ALA A 46 8.67 1.66 2.45
N SER A 47 9.84 1.51 1.80
N SER A 47 9.83 1.49 1.80
CA SER A 47 10.08 2.10 0.49
CA SER A 47 10.07 2.10 0.48
C SER A 47 9.55 1.11 -0.55
C SER A 47 9.53 1.10 -0.53
N TYR A 48 8.36 1.41 -1.11
CA TYR A 48 7.64 0.37 -1.86
C TYR A 48 8.46 -0.22 -2.99
N GLY A 49 9.27 0.60 -3.66
CA GLY A 49 10.08 0.13 -4.77
C GLY A 49 11.07 -0.97 -4.41
N ALA A 50 11.39 -1.17 -3.14
CA ALA A 50 12.26 -2.26 -2.71
C ALA A 50 11.50 -3.57 -2.48
N THR A 51 10.19 -3.58 -2.69
CA THR A 51 9.41 -4.80 -2.56
C THR A 51 9.87 -5.87 -3.55
N ASN A 52 9.86 -7.13 -3.11
CA ASN A 52 10.13 -8.25 -4.00
C ASN A 52 8.91 -9.14 -4.12
N CYS A 53 8.70 -9.66 -5.30
CA CYS A 53 7.60 -10.56 -5.57
C CYS A 53 7.93 -12.00 -5.19
N GLY A 54 6.89 -12.77 -4.89
CA GLY A 54 7.12 -14.15 -4.47
C GLY A 54 7.77 -15.04 -5.49
N GLU A 55 7.38 -14.90 -6.76
CA GLU A 55 7.97 -15.76 -7.76
C GLU A 55 9.44 -15.42 -7.99
N ARG A 56 9.81 -14.15 -7.81
CA ARG A 56 11.24 -13.80 -7.84
C ARG A 56 11.96 -14.39 -6.63
N SER A 57 11.37 -14.29 -5.43
CA SER A 57 11.99 -14.92 -4.27
C SER A 57 12.34 -16.38 -4.57
N ALA A 58 11.41 -17.12 -5.16
CA ALA A 58 11.61 -18.55 -5.39
C ALA A 58 12.70 -18.81 -6.42
N ILE A 59 12.66 -18.11 -7.55
N ILE A 59 12.65 -18.12 -7.56
CA ILE A 59 13.61 -18.39 -8.62
CA ILE A 59 13.62 -18.40 -8.61
C ILE A 59 15.00 -17.90 -8.25
C ILE A 59 15.01 -17.93 -8.20
N PHE A 60 15.10 -16.78 -7.52
CA PHE A 60 16.40 -16.33 -7.07
C PHE A 60 17.01 -17.30 -6.06
N ALA A 61 16.17 -17.92 -5.21
CA ALA A 61 16.69 -18.93 -4.31
C ALA A 61 17.24 -20.13 -5.08
N ALA A 62 16.51 -20.57 -6.10
CA ALA A 62 17.01 -21.71 -6.88
C ALA A 62 18.35 -21.40 -7.53
N TYR A 63 18.45 -20.25 -8.19
CA TYR A 63 19.70 -19.89 -8.86
C TYR A 63 20.83 -19.70 -7.85
N SER A 64 20.52 -19.17 -6.67
CA SER A 64 21.55 -18.94 -5.67
C SER A 64 22.11 -20.23 -5.12
N ASN A 65 21.41 -21.34 -5.30
CA ASN A 65 21.87 -22.66 -4.89
C ASN A 65 22.42 -23.45 -6.08
N GLY A 66 22.64 -22.80 -7.22
CA GLY A 66 23.37 -23.38 -8.33
C GLY A 66 22.51 -23.89 -9.46
N TYR A 67 21.19 -23.87 -9.31
CA TYR A 67 20.33 -24.37 -10.37
C TYR A 67 20.25 -23.35 -11.48
N ARG A 68 20.00 -23.86 -12.69
CA ARG A 68 19.89 -23.06 -13.90
C ARG A 68 18.62 -23.45 -14.63
N ALA A 69 18.35 -22.78 -15.75
CA ALA A 69 17.06 -22.95 -16.42
C ALA A 69 16.80 -24.40 -16.78
N ASP A 70 17.83 -25.10 -17.27
N ASP A 70 17.81 -25.11 -17.31
CA ASP A 70 17.71 -26.51 -17.64
CA ASP A 70 17.59 -26.49 -17.74
C ASP A 70 17.61 -27.45 -16.44
C ASP A 70 17.14 -27.40 -16.59
N ASP A 71 17.74 -26.94 -15.21
N ASP A 71 17.44 -27.03 -15.34
CA ASP A 71 17.54 -27.74 -14.02
CA ASP A 71 17.10 -27.87 -14.19
C ASP A 71 16.14 -27.58 -13.44
C ASP A 71 15.68 -27.63 -13.70
N ILE A 72 15.29 -26.71 -14.02
N ILE A 72 15.04 -26.56 -14.13
CA ILE A 72 13.97 -26.40 -13.47
CA ILE A 72 13.78 -26.18 -13.52
C ILE A 72 12.94 -27.27 -14.17
C ILE A 72 12.64 -26.94 -14.20
N GLU A 73 11.95 -27.76 -13.41
CA GLU A 73 10.84 -28.52 -13.94
C GLU A 73 9.59 -27.68 -14.10
N ALA A 74 9.26 -26.83 -13.13
CA ALA A 74 8.00 -26.10 -13.14
C ALA A 74 8.02 -25.01 -12.08
N LEU A 75 7.14 -24.02 -12.24
CA LEU A 75 6.97 -22.94 -11.28
C LEU A 75 5.49 -22.81 -11.01
N ALA A 76 5.11 -22.68 -9.74
CA ALA A 76 3.71 -22.43 -9.37
C ALA A 76 3.64 -21.09 -8.64
N ILE A 77 2.59 -20.33 -8.94
CA ILE A 77 2.40 -19.01 -8.35
C ILE A 77 0.93 -18.88 -7.96
N VAL A 78 0.65 -18.53 -6.71
CA VAL A 78 -0.73 -18.57 -6.24
C VAL A 78 -1.08 -17.31 -5.47
N THR A 79 -2.36 -17.00 -5.44
CA THR A 79 -2.95 -15.90 -4.66
C THR A 79 -4.30 -16.37 -4.11
N ASP A 80 -4.98 -15.47 -3.41
CA ASP A 80 -6.39 -15.67 -3.03
C ASP A 80 -7.29 -14.62 -3.69
N GLY A 81 -6.89 -14.13 -4.85
CA GLY A 81 -7.61 -13.07 -5.52
C GLY A 81 -8.89 -13.58 -6.18
N ASP A 82 -9.73 -12.62 -6.58
N ASP A 82 -9.72 -12.61 -6.58
CA ASP A 82 -11.02 -12.98 -7.18
CA ASP A 82 -11.01 -12.92 -7.19
C ASP A 82 -10.87 -13.60 -8.55
C ASP A 82 -10.85 -13.62 -8.53
N ARG A 83 -9.76 -13.34 -9.25
CA ARG A 83 -9.48 -13.99 -10.51
C ARG A 83 -8.05 -14.51 -10.48
N VAL A 84 -7.74 -15.42 -11.39
CA VAL A 84 -6.40 -15.97 -11.44
C VAL A 84 -5.43 -14.90 -11.92
N GLY A 85 -4.37 -14.67 -11.14
CA GLY A 85 -3.36 -13.68 -11.49
C GLY A 85 -2.14 -14.26 -12.15
N ALA A 86 -1.50 -13.44 -12.96
CA ALA A 86 -0.26 -13.77 -13.61
C ALA A 86 0.88 -13.00 -12.95
N PRO A 87 2.13 -13.44 -13.12
CA PRO A 87 3.26 -12.64 -12.64
C PRO A 87 3.22 -11.23 -13.24
N CYS A 88 3.64 -10.25 -12.45
CA CYS A 88 3.68 -8.88 -12.95
C CYS A 88 4.79 -8.73 -14.00
N GLY A 89 4.82 -7.56 -14.64
CA GLY A 89 5.78 -7.36 -15.71
C GLY A 89 7.23 -7.47 -15.26
N ILE A 90 7.54 -7.03 -14.03
CA ILE A 90 8.92 -7.20 -13.52
C ILE A 90 9.29 -8.69 -13.52
N CYS A 91 8.40 -9.50 -12.94
CA CYS A 91 8.65 -10.91 -12.81
C CYS A 91 8.69 -11.58 -14.18
N ARG A 92 7.90 -11.12 -15.13
CA ARG A 92 7.98 -11.68 -16.48
C ARG A 92 9.34 -11.41 -17.11
N GLN A 93 9.89 -10.22 -16.90
CA GLN A 93 11.20 -9.92 -17.42
C GLN A 93 12.25 -10.84 -16.81
N VAL A 94 12.16 -11.11 -15.51
CA VAL A 94 13.07 -12.05 -14.87
C VAL A 94 12.89 -13.46 -15.41
N LEU A 95 11.64 -13.95 -15.46
CA LEU A 95 11.40 -15.30 -15.93
C LEU A 95 11.78 -15.47 -17.39
N SER A 96 11.71 -14.41 -18.20
CA SER A 96 12.14 -14.48 -19.58
C SER A 96 13.60 -14.85 -19.68
N GLU A 97 14.41 -14.43 -18.72
CA GLU A 97 15.83 -14.74 -18.71
C GLU A 97 16.11 -16.07 -18.02
N LEU A 98 15.36 -16.41 -16.97
CA LEU A 98 15.78 -17.49 -16.09
C LEU A 98 15.05 -18.80 -16.31
N LEU A 99 13.98 -18.82 -17.10
CA LEU A 99 13.28 -20.06 -17.43
C LEU A 99 13.42 -20.35 -18.92
N ASN A 100 13.33 -21.63 -19.27
CA ASN A 100 13.17 -22.04 -20.67
C ASN A 100 11.76 -21.72 -21.17
N ASP A 101 11.63 -21.68 -22.51
N ASP A 101 11.64 -21.65 -22.51
CA ASP A 101 10.40 -21.22 -23.16
CA ASP A 101 10.43 -21.13 -23.16
C ASP A 101 9.20 -22.09 -22.80
C ASP A 101 9.18 -21.90 -22.72
N ASN A 102 9.40 -23.38 -22.57
N ASN A 102 9.31 -23.21 -22.50
CA ASN A 102 8.28 -24.29 -22.30
CA ASN A 102 8.15 -24.07 -22.31
C ASN A 102 8.37 -24.93 -20.92
C ASN A 102 8.03 -24.62 -20.89
N THR A 103 8.87 -24.19 -19.96
CA THR A 103 8.74 -24.61 -18.57
C THR A 103 7.36 -24.18 -18.08
N PRO A 104 6.55 -25.08 -17.53
CA PRO A 104 5.19 -24.70 -17.19
C PRO A 104 5.18 -23.76 -15.99
N ILE A 105 4.30 -22.76 -16.08
CA ILE A 105 4.02 -21.86 -14.98
C ILE A 105 2.56 -22.09 -14.61
N TYR A 106 2.32 -22.65 -13.43
CA TYR A 106 0.97 -22.92 -12.97
C TYR A 106 0.51 -21.75 -12.11
N LEU A 107 -0.70 -21.27 -12.37
CA LEU A 107 -1.29 -20.13 -11.69
C LEU A 107 -2.59 -20.55 -11.05
N SER A 108 -2.81 -20.18 -9.78
CA SER A 108 -4.09 -20.51 -9.17
C SER A 108 -4.44 -19.51 -8.09
N ASN A 109 -5.75 -19.22 -8.00
CA ASN A 109 -6.31 -18.43 -6.91
C ASN A 109 -7.06 -19.30 -5.91
N GLY A 110 -6.88 -20.62 -5.98
CA GLY A 110 -7.62 -21.54 -5.13
C GLY A 110 -8.97 -21.95 -5.68
N LYS A 111 -9.54 -21.19 -6.62
CA LYS A 111 -10.81 -21.52 -7.24
C LYS A 111 -10.66 -22.01 -8.67
N GLU A 112 -9.66 -21.50 -9.38
CA GLU A 112 -9.40 -21.83 -10.77
C GLU A 112 -7.90 -21.95 -10.93
N THR A 113 -7.48 -22.73 -11.93
CA THR A 113 -6.06 -22.93 -12.21
C THR A 113 -5.83 -22.75 -13.70
N LEU A 114 -4.72 -22.10 -14.03
CA LEU A 114 -4.28 -21.93 -15.40
C LEU A 114 -2.85 -22.41 -15.53
N GLU A 115 -2.48 -22.76 -16.76
CA GLU A 115 -1.11 -23.13 -17.07
C GLU A 115 -0.63 -22.22 -18.19
N LYS A 116 0.53 -21.60 -17.99
CA LYS A 116 1.10 -20.68 -18.96
C LYS A 116 2.57 -21.03 -19.18
N THR A 117 3.15 -20.42 -20.19
CA THR A 117 4.59 -20.41 -20.37
C THR A 117 5.02 -18.95 -20.53
N ILE A 118 6.34 -18.72 -20.42
CA ILE A 118 6.78 -17.33 -20.42
C ILE A 118 6.53 -16.67 -21.76
N ASP A 119 6.62 -17.43 -22.85
CA ASP A 119 6.33 -16.83 -24.16
C ASP A 119 4.89 -16.34 -24.27
N GLU A 120 3.93 -17.06 -23.68
CA GLU A 120 2.55 -16.60 -23.71
C GLU A 120 2.38 -15.31 -22.93
N LEU A 121 3.18 -15.11 -21.88
CA LEU A 121 2.98 -13.97 -20.99
C LEU A 121 3.74 -12.73 -21.42
N LEU A 122 4.74 -12.86 -22.31
CA LEU A 122 5.60 -11.72 -22.61
C LEU A 122 5.93 -11.77 -24.10
N PRO A 123 5.15 -11.10 -24.93
CA PRO A 123 5.51 -11.00 -26.36
C PRO A 123 6.72 -10.10 -26.54
N MET A 124 7.36 -10.22 -27.71
CA MET A 124 8.45 -9.32 -28.11
C MET A 124 9.51 -9.18 -27.02
N ARG A 125 10.05 -10.31 -26.58
CA ARG A 125 10.98 -10.32 -25.46
C ARG A 125 12.30 -9.66 -25.82
N PHE A 126 12.84 -8.88 -24.88
CA PHE A 126 14.22 -8.40 -24.98
C PHE A 126 15.12 -9.39 -24.26
N THR A 127 16.04 -9.98 -25.01
CA THR A 127 16.75 -11.13 -24.50
C THR A 127 18.24 -10.82 -24.32
N LYS A 128 18.90 -11.75 -23.64
CA LYS A 128 20.35 -11.70 -23.50
C LYS A 128 21.02 -11.52 -24.86
N GLU A 129 20.56 -12.25 -25.87
CA GLU A 129 21.15 -12.16 -27.19
C GLU A 129 20.98 -10.78 -27.80
N ASP A 130 19.82 -10.13 -27.57
CA ASP A 130 19.65 -8.78 -28.10
C ASP A 130 20.67 -7.83 -27.51
N LEU A 131 20.97 -7.97 -26.22
CA LEU A 131 21.97 -7.11 -25.60
C LEU A 131 23.38 -7.48 -26.03
N LEU A 132 23.74 -8.77 -25.90
CA LEU A 132 25.11 -9.18 -26.20
C LEU A 132 25.46 -8.93 -27.66
N GLY A 133 24.49 -8.97 -28.55
CA GLY A 133 24.74 -8.75 -29.98
C GLY A 133 24.76 -7.30 -30.41
N HIS A 134 24.52 -6.38 -29.49
CA HIS A 134 24.42 -4.97 -29.83
C HIS A 134 25.77 -4.39 -30.22
N MET B 1 2.03 17.49 -33.16
CA MET B 1 3.27 16.85 -33.58
C MET B 1 2.97 15.50 -34.22
N ASN B 2 3.58 15.22 -35.37
CA ASN B 2 3.35 13.96 -36.05
C ASN B 2 4.32 12.90 -35.54
N LYS B 3 4.10 11.66 -36.00
CA LYS B 3 4.87 10.53 -35.52
C LYS B 3 6.36 10.69 -35.81
N GLU B 4 6.69 11.20 -37.00
CA GLU B 4 8.08 11.33 -37.38
C GLU B 4 8.81 12.33 -36.49
N ASP B 5 8.16 13.44 -36.16
CA ASP B 5 8.79 14.44 -35.29
C ASP B 5 8.92 13.92 -33.87
N LEU B 6 7.94 13.14 -33.41
CA LEU B 6 8.04 12.56 -32.07
C LEU B 6 9.17 11.54 -32.00
N LEU B 7 9.30 10.71 -33.03
CA LEU B 7 10.44 9.80 -33.08
C LEU B 7 11.76 10.56 -33.10
N LYS B 8 11.82 11.70 -33.81
N LYS B 8 11.83 11.67 -33.84
CA LYS B 8 13.01 12.52 -33.79
CA LYS B 8 13.05 12.48 -33.85
C LYS B 8 13.35 13.01 -32.38
C LYS B 8 13.42 12.93 -32.44
N LYS B 9 12.34 13.38 -31.60
N LYS B 9 12.44 13.34 -31.64
CA LYS B 9 12.60 13.76 -30.22
CA LYS B 9 12.73 13.76 -30.28
C LYS B 9 13.19 12.60 -29.43
C LYS B 9 13.24 12.58 -29.44
N ALA B 10 12.67 11.39 -29.65
CA ALA B 10 13.18 10.23 -28.92
C ALA B 10 14.61 9.92 -29.33
N PHE B 11 14.95 10.08 -30.62
CA PHE B 11 16.34 9.89 -31.03
C PHE B 11 17.26 10.93 -30.40
N GLU B 12 16.78 12.17 -30.21
N GLU B 12 16.77 12.18 -30.24
CA GLU B 12 17.55 13.17 -29.49
CA GLU B 12 17.52 13.18 -29.49
C GLU B 12 17.76 12.77 -28.03
C GLU B 12 17.78 12.72 -28.06
N ALA B 13 16.73 12.21 -27.41
CA ALA B 13 16.86 11.76 -26.03
C ALA B 13 17.87 10.63 -25.92
N MET B 14 17.93 9.78 -26.93
CA MET B 14 18.85 8.64 -26.90
C MET B 14 20.30 9.10 -26.70
N GLU B 15 20.65 10.28 -27.24
CA GLU B 15 21.99 10.82 -27.06
C GLU B 15 22.27 11.28 -25.64
N ASN B 16 21.24 11.40 -24.81
CA ASN B 16 21.39 11.80 -23.42
C ASN B 16 21.48 10.61 -22.47
N ALA B 17 21.49 9.39 -23.01
CA ALA B 17 21.54 8.23 -22.13
C ALA B 17 22.80 8.23 -21.29
N TYR B 18 22.68 7.69 -20.06
CA TYR B 18 23.81 7.47 -19.17
C TYR B 18 23.94 5.96 -19.05
N ALA B 19 24.82 5.36 -19.84
CA ALA B 19 24.92 3.90 -19.88
C ALA B 19 26.39 3.49 -19.90
N PRO B 20 27.13 3.78 -18.83
CA PRO B 20 28.57 3.46 -18.80
C PRO B 20 28.85 1.98 -18.81
N TYR B 21 27.88 1.15 -18.45
CA TYR B 21 28.12 -0.26 -18.20
C TYR B 21 27.72 -1.10 -19.39
N SER B 22 26.56 -0.85 -19.99
CA SER B 22 26.15 -1.62 -21.15
C SER B 22 26.52 -0.94 -22.47
N ASN B 23 26.70 0.38 -22.47
CA ASN B 23 26.82 1.16 -23.70
C ASN B 23 25.60 1.02 -24.60
N TYR B 24 24.44 0.65 -24.05
CA TYR B 24 23.23 0.47 -24.83
C TYR B 24 22.35 1.67 -24.55
N HIS B 25 22.05 2.48 -25.57
CA HIS B 25 21.31 3.72 -25.38
C HIS B 25 19.87 3.58 -25.82
N VAL B 26 18.95 4.07 -24.98
CA VAL B 26 17.52 4.08 -25.30
C VAL B 26 17.04 5.51 -25.15
N GLY B 27 16.28 6.00 -26.14
CA GLY B 27 15.64 7.29 -26.04
C GLY B 27 14.14 7.15 -26.02
N ALA B 28 13.49 8.08 -25.35
CA ALA B 28 12.03 8.08 -25.33
C ALA B 28 11.54 9.51 -25.32
N CYS B 29 10.30 9.70 -25.78
CA CYS B 29 9.66 10.99 -25.63
C CYS B 29 8.18 10.76 -25.43
N ALA B 30 7.66 11.31 -24.34
CA ALA B 30 6.22 11.31 -24.07
C ALA B 30 5.64 12.63 -24.55
N LEU B 31 4.63 12.55 -25.41
CA LEU B 31 3.96 13.73 -25.96
C LEU B 31 2.64 13.89 -25.25
N MET B 32 2.41 15.07 -24.68
CA MET B 32 1.16 15.39 -24.02
C MET B 32 0.18 15.95 -25.06
N LYS B 33 -1.12 15.78 -24.78
CA LYS B 33 -2.16 16.34 -25.64
C LYS B 33 -2.02 17.86 -25.82
N ASP B 34 -1.48 18.56 -24.83
CA ASP B 34 -1.31 20.01 -24.96
C ASP B 34 -0.06 20.39 -25.74
N GLY B 35 0.69 19.41 -26.22
CA GLY B 35 1.86 19.65 -27.06
C GLY B 35 3.18 19.59 -26.31
N THR B 36 3.15 19.55 -24.98
CA THR B 36 4.37 19.47 -24.20
C THR B 36 5.03 18.12 -24.42
N THR B 37 6.36 18.10 -24.48
CA THR B 37 7.09 16.86 -24.60
C THR B 37 7.99 16.67 -23.38
N PHE B 38 8.21 15.40 -23.03
CA PHE B 38 9.13 15.00 -21.97
C PHE B 38 10.08 13.96 -22.54
N LEU B 39 11.36 14.28 -22.58
CA LEU B 39 12.38 13.31 -22.98
C LEU B 39 12.65 12.32 -21.87
N GLY B 40 13.08 11.13 -22.25
CA GLY B 40 13.56 10.15 -21.30
C GLY B 40 14.72 9.38 -21.90
N ALA B 41 15.69 9.01 -21.08
CA ALA B 41 16.79 8.19 -21.51
C ALA B 41 17.10 7.21 -20.40
N ASN B 42 17.73 6.08 -20.76
CA ASN B 42 18.10 5.12 -19.74
C ASN B 42 19.26 5.66 -18.92
N ILE B 43 19.27 5.34 -17.63
N ILE B 43 19.24 5.36 -17.62
CA ILE B 43 20.24 5.86 -16.68
CA ILE B 43 20.19 5.87 -16.63
C ILE B 43 20.69 4.71 -15.80
C ILE B 43 20.66 4.66 -15.81
N GLU B 44 21.88 4.21 -16.05
CA GLU B 44 22.41 3.04 -15.36
C GLU B 44 23.04 3.43 -14.03
N ASN B 45 23.34 2.42 -13.23
CA ASN B 45 24.01 2.58 -11.96
C ASN B 45 24.96 1.40 -11.76
N ALA B 46 26.08 1.66 -11.06
CA ALA B 46 27.03 0.59 -10.77
C ALA B 46 26.36 -0.58 -10.07
N SER B 47 25.34 -0.32 -9.24
CA SER B 47 24.44 -1.37 -8.76
C SER B 47 23.34 -1.52 -9.81
N TYR B 48 23.45 -2.57 -10.64
CA TYR B 48 22.65 -2.60 -11.86
C TYR B 48 21.16 -2.50 -11.59
N GLY B 49 20.69 -3.08 -10.48
CA GLY B 49 19.27 -3.04 -10.18
C GLY B 49 18.70 -1.65 -9.95
N ALA B 50 19.56 -0.64 -9.75
CA ALA B 50 19.09 0.74 -9.63
C ALA B 50 18.96 1.44 -10.98
N THR B 51 19.28 0.76 -12.08
CA THR B 51 19.11 1.32 -13.42
C THR B 51 17.66 1.67 -13.72
N ASN B 52 17.45 2.80 -14.40
CA ASN B 52 16.13 3.18 -14.87
C ASN B 52 16.08 3.19 -16.41
N CYS B 53 14.97 2.72 -16.95
CA CYS B 53 14.76 2.69 -18.39
C CYS B 53 14.31 4.05 -18.91
N GLY B 54 14.61 4.30 -20.19
CA GLY B 54 14.32 5.60 -20.76
C GLY B 54 12.84 5.93 -20.83
N GLU B 55 12.00 4.95 -21.16
CA GLU B 55 10.56 5.25 -21.23
C GLU B 55 9.97 5.51 -19.84
N ARG B 56 10.52 4.89 -18.80
CA ARG B 56 10.16 5.26 -17.43
C ARG B 56 10.62 6.68 -17.10
N SER B 57 11.86 7.05 -17.48
CA SER B 57 12.29 8.44 -17.27
C SER B 57 11.28 9.42 -17.83
N ALA B 58 10.80 9.16 -19.06
CA ALA B 58 9.93 10.11 -19.74
C ALA B 58 8.57 10.18 -19.06
N ILE B 59 7.97 9.04 -18.75
N ILE B 59 7.98 9.03 -18.75
CA ILE B 59 6.62 9.06 -18.21
CA ILE B 59 6.62 9.03 -18.20
C ILE B 59 6.63 9.58 -16.77
C ILE B 59 6.61 9.53 -16.76
N PHE B 60 7.66 9.22 -15.99
CA PHE B 60 7.76 9.75 -14.64
C PHE B 60 7.91 11.26 -14.66
N ALA B 61 8.66 11.79 -15.63
CA ALA B 61 8.78 13.25 -15.76
C ALA B 61 7.42 13.88 -16.03
N ALA B 62 6.65 13.27 -16.93
CA ALA B 62 5.33 13.83 -17.26
C ALA B 62 4.42 13.84 -16.03
N TYR B 63 4.35 12.71 -15.33
CA TYR B 63 3.50 12.63 -14.15
C TYR B 63 3.97 13.59 -13.07
N SER B 64 5.29 13.78 -12.94
CA SER B 64 5.82 14.66 -11.91
C SER B 64 5.46 16.12 -12.17
N ASN B 65 5.06 16.45 -13.38
CA ASN B 65 4.63 17.79 -13.75
C ASN B 65 3.12 17.89 -13.83
N GLY B 66 2.40 16.90 -13.31
CA GLY B 66 0.97 16.95 -13.14
C GLY B 66 0.17 16.31 -14.25
N TYR B 67 0.81 15.79 -15.29
CA TYR B 67 0.09 15.12 -16.34
C TYR B 67 -0.34 13.73 -15.87
N ARG B 68 -1.48 13.27 -16.37
CA ARG B 68 -1.98 11.93 -16.05
C ARG B 68 -2.28 11.19 -17.35
N ALA B 69 -2.73 9.94 -17.23
CA ALA B 69 -2.91 9.12 -18.44
C ALA B 69 -3.76 9.83 -19.47
N ASP B 70 -4.86 10.45 -19.03
CA ASP B 70 -5.81 11.08 -19.94
C ASP B 70 -5.18 12.25 -20.69
N ASP B 71 -4.07 12.76 -20.17
CA ASP B 71 -3.41 13.92 -20.79
C ASP B 71 -2.32 13.55 -21.78
N ILE B 72 -2.02 12.27 -21.93
CA ILE B 72 -0.89 11.83 -22.74
C ILE B 72 -1.40 11.45 -24.12
N GLU B 73 -0.72 11.98 -25.14
CA GLU B 73 -1.09 11.72 -26.53
C GLU B 73 -0.39 10.48 -27.09
N ALA B 74 0.91 10.33 -26.83
CA ALA B 74 1.67 9.26 -27.47
C ALA B 74 2.98 9.13 -26.75
N LEU B 75 3.61 7.96 -26.92
CA LEU B 75 4.95 7.71 -26.39
C LEU B 75 5.79 7.08 -27.49
N ALA B 76 7.01 7.56 -27.66
CA ALA B 76 7.96 6.97 -28.62
C ALA B 76 9.14 6.45 -27.83
N ILE B 77 9.66 5.29 -28.26
CA ILE B 77 10.78 4.63 -27.60
C ILE B 77 11.67 4.09 -28.71
N VAL B 78 12.96 4.42 -28.69
CA VAL B 78 13.83 4.11 -29.82
C VAL B 78 15.17 3.56 -29.35
N THR B 79 15.79 2.82 -30.26
CA THR B 79 17.13 2.28 -30.07
C THR B 79 17.86 2.36 -31.42
N ASP B 80 19.09 1.85 -31.47
CA ASP B 80 19.76 1.58 -32.73
C ASP B 80 20.02 0.08 -32.91
N GLY B 81 19.18 -0.75 -32.29
CA GLY B 81 19.35 -2.19 -32.33
C GLY B 81 19.08 -2.80 -33.70
N ASP B 82 19.48 -4.07 -33.81
CA ASP B 82 19.30 -4.79 -35.06
C ASP B 82 17.83 -5.07 -35.38
N ARG B 83 16.98 -5.17 -34.36
CA ARG B 83 15.55 -5.32 -34.58
C ARG B 83 14.82 -4.30 -33.70
N VAL B 84 13.54 -4.11 -33.98
CA VAL B 84 12.76 -3.15 -33.20
C VAL B 84 12.48 -3.74 -31.83
N GLY B 85 12.84 -3.01 -30.78
CA GLY B 85 12.64 -3.46 -29.42
C GLY B 85 11.38 -2.87 -28.80
N ALA B 86 10.80 -3.63 -27.88
CA ALA B 86 9.67 -3.21 -27.08
C ALA B 86 10.14 -2.82 -25.68
N PRO B 87 9.32 -2.08 -24.92
CA PRO B 87 9.65 -1.86 -23.51
C PRO B 87 9.83 -3.19 -22.78
N CYS B 88 10.76 -3.20 -21.82
CA CYS B 88 10.97 -4.41 -21.02
C CYS B 88 9.77 -4.65 -20.10
N GLY B 89 9.78 -5.80 -19.43
CA GLY B 89 8.66 -6.16 -18.58
C GLY B 89 8.42 -5.16 -17.46
N ILE B 90 9.49 -4.60 -16.88
CA ILE B 90 9.30 -3.60 -15.83
C ILE B 90 8.51 -2.42 -16.38
N CYS B 91 8.95 -1.92 -17.54
CA CYS B 91 8.31 -0.77 -18.15
C CYS B 91 6.89 -1.09 -18.57
N ARG B 92 6.64 -2.31 -19.01
CA ARG B 92 5.26 -2.68 -19.34
C ARG B 92 4.35 -2.61 -18.11
N GLN B 93 4.88 -3.06 -16.96
CA GLN B 93 4.09 -2.98 -15.74
C GLN B 93 3.75 -1.52 -15.41
N VAL B 94 4.72 -0.63 -15.55
CA VAL B 94 4.49 0.79 -15.31
C VAL B 94 3.48 1.35 -16.31
N LEU B 95 3.72 1.11 -17.61
CA LEU B 95 2.85 1.69 -18.63
C LEU B 95 1.45 1.13 -18.55
N SER B 96 1.30 -0.11 -18.07
N SER B 96 1.28 -0.10 -18.08
CA SER B 96 -0.02 -0.72 -17.90
CA SER B 96 -0.07 -0.63 -17.98
C SER B 96 -0.88 0.06 -16.93
C SER B 96 -0.90 0.14 -16.97
N GLU B 97 -0.26 0.74 -15.96
CA GLU B 97 -0.98 1.57 -15.03
C GLU B 97 -1.07 3.02 -15.44
N LEU B 98 -0.03 3.54 -16.10
CA LEU B 98 0.10 4.96 -16.34
C LEU B 98 -0.36 5.42 -17.72
N LEU B 99 -0.63 4.49 -18.65
CA LEU B 99 -1.19 4.85 -19.96
C LEU B 99 -2.57 4.26 -20.12
N ASN B 100 -3.42 4.96 -20.88
CA ASN B 100 -4.67 4.37 -21.31
C ASN B 100 -4.46 3.43 -22.50
N ASP B 101 -5.49 2.63 -22.78
CA ASP B 101 -5.35 1.56 -23.75
C ASP B 101 -5.35 2.04 -25.19
N ASN B 102 -5.71 3.30 -25.44
CA ASN B 102 -5.69 3.86 -26.79
C ASN B 102 -4.43 4.66 -27.10
N THR B 103 -3.51 4.82 -26.16
CA THR B 103 -2.36 5.67 -26.41
C THR B 103 -1.33 4.94 -27.23
N PRO B 104 -0.95 5.45 -28.39
CA PRO B 104 0.04 4.73 -29.21
C PRO B 104 1.42 4.79 -28.60
N ILE B 105 2.11 3.67 -28.72
CA ILE B 105 3.50 3.55 -28.36
C ILE B 105 4.24 3.26 -29.65
N TYR B 106 5.05 4.21 -30.10
CA TYR B 106 5.79 4.05 -31.34
C TYR B 106 7.18 3.53 -31.01
N LEU B 107 7.60 2.49 -31.71
CA LEU B 107 8.88 1.83 -31.47
C LEU B 107 9.70 1.89 -32.74
N SER B 108 10.97 2.26 -32.65
CA SER B 108 11.79 2.31 -33.86
C SER B 108 13.24 2.03 -33.50
N ASN B 109 13.91 1.32 -34.40
CA ASN B 109 15.35 1.16 -34.32
C ASN B 109 16.08 1.98 -35.36
N GLY B 110 15.41 2.98 -35.94
CA GLY B 110 16.01 3.77 -36.99
C GLY B 110 15.92 3.17 -38.38
N LYS B 111 15.52 1.90 -38.50
CA LYS B 111 15.35 1.24 -39.79
C LYS B 111 13.92 0.83 -40.04
N GLU B 112 13.19 0.47 -39.00
CA GLU B 112 11.79 0.07 -39.07
C GLU B 112 11.08 0.71 -37.88
N THR B 113 9.78 0.90 -38.02
CA THR B 113 8.94 1.46 -36.97
C THR B 113 7.71 0.60 -36.78
N LEU B 114 7.31 0.40 -35.53
CA LEU B 114 6.11 -0.34 -35.17
C LEU B 114 5.28 0.55 -34.25
N GLU B 115 3.99 0.24 -34.21
CA GLU B 115 3.06 0.93 -33.31
C GLU B 115 2.36 -0.12 -32.48
N LYS B 116 2.36 0.07 -31.15
CA LYS B 116 1.68 -0.84 -30.24
C LYS B 116 0.82 -0.04 -29.26
N THR B 117 -0.13 -0.72 -28.62
CA THR B 117 -0.75 -0.20 -27.41
C THR B 117 -0.41 -1.14 -26.26
N ILE B 118 -0.62 -0.65 -25.04
CA ILE B 118 -0.06 -1.39 -23.91
C ILE B 118 -0.73 -2.75 -23.74
N ASP B 119 -2.02 -2.85 -24.06
N ASP B 119 -2.02 -2.84 -24.07
CA ASP B 119 -2.68 -4.14 -23.87
CA ASP B 119 -2.72 -4.11 -23.91
C ASP B 119 -2.06 -5.23 -24.74
C ASP B 119 -2.06 -5.22 -24.73
N GLU B 120 -1.56 -4.88 -25.93
CA GLU B 120 -0.91 -5.87 -26.80
C GLU B 120 0.37 -6.40 -26.18
N LEU B 121 1.04 -5.59 -25.38
CA LEU B 121 2.35 -5.96 -24.86
C LEU B 121 2.28 -6.68 -23.53
N LEU B 122 1.14 -6.66 -22.84
CA LEU B 122 1.07 -7.26 -21.50
C LEU B 122 -0.27 -7.94 -21.30
N PRO B 123 -0.36 -9.24 -21.60
CA PRO B 123 -1.60 -9.97 -21.33
C PRO B 123 -1.81 -10.14 -19.83
N MET B 124 -3.04 -10.41 -19.43
CA MET B 124 -3.39 -10.73 -18.03
C MET B 124 -2.79 -9.71 -17.06
N ARG B 125 -3.14 -8.46 -17.26
CA ARG B 125 -2.56 -7.39 -16.45
C ARG B 125 -3.09 -7.41 -15.04
N PHE B 126 -2.22 -7.08 -14.07
CA PHE B 126 -2.59 -6.86 -12.69
C PHE B 126 -2.76 -5.36 -12.49
N THR B 127 -3.99 -4.93 -12.19
CA THR B 127 -4.36 -3.53 -12.27
C THR B 127 -4.57 -2.91 -10.89
N LYS B 128 -4.64 -1.58 -10.88
CA LYS B 128 -4.99 -0.83 -9.67
C LYS B 128 -6.26 -1.35 -9.06
N GLU B 129 -7.29 -1.57 -9.87
CA GLU B 129 -8.52 -2.02 -9.23
C GLU B 129 -8.45 -3.48 -8.78
N ASP B 130 -7.61 -4.31 -9.40
CA ASP B 130 -7.38 -5.64 -8.86
C ASP B 130 -6.89 -5.56 -7.41
N LEU B 131 -5.99 -4.62 -7.13
CA LEU B 131 -5.46 -4.48 -5.77
C LEU B 131 -6.44 -3.75 -4.86
N LEU B 132 -6.93 -2.59 -5.30
CA LEU B 132 -7.81 -1.82 -4.42
C LEU B 132 -9.11 -2.55 -4.12
N GLY B 133 -9.60 -3.35 -5.06
CA GLY B 133 -10.84 -4.09 -4.86
C GLY B 133 -10.67 -5.42 -4.18
N HIS B 134 -9.45 -5.77 -3.79
CA HIS B 134 -9.18 -7.07 -3.18
C HIS B 134 -9.81 -7.15 -1.79
N MET C 1 27.56 -22.11 14.33
CA MET C 1 28.47 -21.80 13.23
C MET C 1 29.21 -20.50 13.53
N ASN C 2 30.53 -20.51 13.39
CA ASN C 2 31.33 -19.32 13.68
C ASN C 2 31.42 -18.41 12.46
N LYS C 3 32.08 -17.26 12.65
CA LYS C 3 32.17 -16.25 11.60
C LYS C 3 32.90 -16.79 10.37
N GLU C 4 34.00 -17.52 10.58
CA GLU C 4 34.79 -18.03 9.46
C GLU C 4 33.99 -19.04 8.64
N ASP C 5 33.22 -19.90 9.30
CA ASP C 5 32.41 -20.87 8.58
C ASP C 5 31.25 -20.21 7.85
N LEU C 6 30.67 -19.15 8.42
CA LEU C 6 29.62 -18.43 7.70
C LEU C 6 30.18 -17.74 6.46
N LEU C 7 31.34 -17.11 6.59
CA LEU C 7 31.98 -16.53 5.41
C LEU C 7 32.26 -17.59 4.35
N LYS C 8 32.67 -18.80 4.77
CA LYS C 8 32.89 -19.86 3.79
C LYS C 8 31.62 -20.20 3.02
N LYS C 9 30.48 -20.21 3.71
CA LYS C 9 29.21 -20.42 3.01
C LYS C 9 28.95 -19.32 2.01
N ALA C 10 29.21 -18.07 2.38
CA ALA C 10 29.00 -16.98 1.43
C ALA C 10 29.92 -17.11 0.22
N PHE C 11 31.16 -17.57 0.43
CA PHE C 11 32.05 -17.77 -0.71
C PHE C 11 31.54 -18.90 -1.61
N GLU C 12 30.95 -19.94 -1.02
N GLU C 12 30.92 -19.92 -1.03
CA GLU C 12 30.29 -20.96 -1.83
CA GLU C 12 30.29 -20.97 -1.84
C GLU C 12 29.17 -20.35 -2.65
C GLU C 12 29.11 -20.41 -2.64
N ALA C 13 28.32 -19.54 -2.02
CA ALA C 13 27.23 -18.89 -2.74
C ALA C 13 27.76 -18.04 -3.90
N MET C 14 28.90 -17.38 -3.70
N MET C 14 28.91 -17.38 -3.71
CA MET C 14 29.44 -16.51 -4.74
CA MET C 14 29.46 -16.51 -4.74
C MET C 14 29.70 -17.28 -6.03
C MET C 14 29.70 -17.27 -6.02
N GLU C 15 30.05 -18.56 -5.92
CA GLU C 15 30.28 -19.37 -7.11
C GLU C 15 29.00 -19.71 -7.86
N ASN C 16 27.84 -19.46 -7.25
CA ASN C 16 26.56 -19.67 -7.92
C ASN C 16 26.01 -18.42 -8.57
N ALA C 17 26.75 -17.31 -8.54
CA ALA C 17 26.22 -16.08 -9.11
C ALA C 17 25.92 -16.22 -10.60
N TYR C 18 24.88 -15.51 -11.04
CA TYR C 18 24.49 -15.43 -12.43
C TYR C 18 24.72 -13.97 -12.85
N ALA C 19 25.89 -13.71 -13.40
CA ALA C 19 26.29 -12.35 -13.76
C ALA C 19 26.86 -12.33 -15.17
N PRO C 20 26.05 -12.65 -16.17
CA PRO C 20 26.58 -12.70 -17.55
C PRO C 20 26.99 -11.36 -18.11
N TYR C 21 26.52 -10.27 -17.51
CA TYR C 21 26.75 -8.94 -18.07
C TYR C 21 27.96 -8.28 -17.41
N SER C 22 27.99 -8.22 -16.08
CA SER C 22 29.12 -7.58 -15.41
C SER C 22 30.27 -8.51 -15.13
N ASN C 23 30.00 -9.81 -15.04
CA ASN C 23 30.96 -10.78 -14.54
C ASN C 23 31.39 -10.51 -13.09
N TYR C 24 30.66 -9.70 -12.33
CA TYR C 24 31.01 -9.36 -10.95
C TYR C 24 30.19 -10.28 -10.05
N HIS C 25 30.84 -11.07 -9.20
CA HIS C 25 30.16 -12.10 -8.42
C HIS C 25 30.06 -11.69 -6.97
N VAL C 26 28.88 -11.84 -6.39
CA VAL C 26 28.65 -11.57 -4.97
C VAL C 26 28.00 -12.81 -4.36
N GLY C 27 28.49 -13.23 -3.19
CA GLY C 27 27.85 -14.29 -2.44
C GLY C 27 27.38 -13.81 -1.08
N ALA C 28 26.33 -14.45 -0.57
CA ALA C 28 25.80 -14.10 0.73
C ALA C 28 25.28 -15.35 1.39
N CYS C 29 25.27 -15.34 2.72
CA CYS C 29 24.63 -16.42 3.46
C CYS C 29 23.96 -15.84 4.68
N ALA C 30 22.66 -16.10 4.83
CA ALA C 30 21.93 -15.71 6.02
C ALA C 30 21.85 -16.91 6.95
N LEU C 31 22.27 -16.73 8.19
CA LEU C 31 22.29 -17.79 9.18
C LEU C 31 21.17 -17.55 10.18
N MET C 32 20.30 -18.54 10.35
CA MET C 32 19.20 -18.50 11.32
C MET C 32 19.69 -19.00 12.67
N LYS C 33 18.97 -18.58 13.72
CA LYS C 33 19.31 -19.01 15.07
C LYS C 33 19.20 -20.51 15.22
N ASP C 34 18.31 -21.14 14.47
CA ASP C 34 18.16 -22.58 14.56
C ASP C 34 19.24 -23.33 13.77
N GLY C 35 20.20 -22.64 13.15
CA GLY C 35 21.28 -23.24 12.41
C GLY C 35 21.06 -23.31 10.91
N THR C 36 19.83 -23.09 10.43
CA THR C 36 19.55 -23.13 8.99
C THR C 36 20.29 -22.01 8.29
N THR C 37 20.84 -22.32 7.12
CA THR C 37 21.47 -21.30 6.28
C THR C 37 20.71 -21.13 4.97
N PHE C 38 20.76 -19.91 4.44
CA PHE C 38 20.21 -19.59 3.13
C PHE C 38 21.29 -18.91 2.31
N LEU C 39 21.69 -19.54 1.21
CA LEU C 39 22.62 -18.90 0.28
C LEU C 39 21.91 -17.86 -0.58
N GLY C 40 22.68 -16.87 -1.00
CA GLY C 40 22.19 -15.90 -1.97
C GLY C 40 23.32 -15.50 -2.88
N ALA C 41 23.02 -15.27 -4.15
CA ALA C 41 23.99 -14.77 -5.09
C ALA C 41 23.31 -13.74 -5.99
N ASN C 42 24.11 -12.86 -6.60
CA ASN C 42 23.54 -11.88 -7.51
C ASN C 42 23.07 -12.54 -8.79
N ILE C 43 21.97 -12.04 -9.35
N ILE C 43 21.97 -12.03 -9.33
CA ILE C 43 21.33 -12.64 -10.52
CA ILE C 43 21.25 -12.57 -10.46
C ILE C 43 20.91 -11.51 -11.45
C ILE C 43 20.97 -11.39 -11.40
N GLU C 44 21.70 -11.33 -12.50
CA GLU C 44 21.51 -10.25 -13.45
C GLU C 44 20.42 -10.55 -14.47
N ASN C 45 20.03 -9.52 -15.20
CA ASN C 45 19.02 -9.60 -16.25
C ASN C 45 19.44 -8.67 -17.38
N ALA C 46 19.09 -9.06 -18.60
CA ALA C 46 19.37 -8.24 -19.76
C ALA C 46 18.77 -6.85 -19.61
N SER C 47 17.62 -6.73 -18.95
N SER C 47 17.62 -6.74 -18.94
CA SER C 47 17.13 -5.44 -18.49
CA SER C 47 17.14 -5.44 -18.47
C SER C 47 17.76 -5.21 -17.11
C SER C 47 17.78 -5.22 -17.11
N TYR C 48 18.79 -4.35 -17.06
CA TYR C 48 19.65 -4.30 -15.88
C TYR C 48 18.88 -4.01 -14.61
N GLY C 49 17.84 -3.18 -14.68
CA GLY C 49 17.04 -2.85 -13.51
C GLY C 49 16.35 -4.02 -12.85
N ALA C 50 16.22 -5.16 -13.53
CA ALA C 50 15.64 -6.36 -12.94
C ALA C 50 16.67 -7.22 -12.20
N THR C 51 17.94 -6.80 -12.18
CA THR C 51 18.99 -7.52 -11.45
C THR C 51 18.68 -7.57 -9.96
N ASN C 52 18.98 -8.70 -9.32
CA ASN C 52 18.88 -8.83 -7.87
C ASN C 52 20.25 -9.04 -7.25
N CYS C 53 20.47 -8.46 -6.09
CA CYS C 53 21.71 -8.61 -5.37
C CYS C 53 21.72 -9.88 -4.53
N GLY C 54 22.92 -10.39 -4.26
CA GLY C 54 23.04 -11.64 -3.54
C GLY C 54 22.51 -11.59 -2.11
N GLU C 55 22.71 -10.50 -1.41
CA GLU C 55 22.24 -10.43 -0.03
C GLU C 55 20.72 -10.35 0.02
N ARG C 56 20.11 -9.76 -1.01
CA ARG C 56 18.65 -9.82 -1.11
C ARG C 56 18.19 -11.25 -1.42
N SER C 57 18.86 -11.93 -2.36
CA SER C 57 18.50 -13.33 -2.62
C SER C 57 18.45 -14.14 -1.32
N ALA C 58 19.46 -13.97 -0.47
CA ALA C 58 19.54 -14.75 0.75
C ALA C 58 18.44 -14.41 1.73
N ILE C 59 18.23 -13.12 1.99
CA ILE C 59 17.25 -12.75 3.01
C ILE C 59 15.83 -13.00 2.52
N PHE C 60 15.56 -12.82 1.23
CA PHE C 60 14.24 -13.14 0.71
C PHE C 60 13.96 -14.63 0.82
N ALA C 61 14.99 -15.47 0.60
CA ALA C 61 14.79 -16.91 0.79
C ALA C 61 14.45 -17.22 2.24
N ALA C 62 15.15 -16.60 3.20
CA ALA C 62 14.85 -16.89 4.60
C ALA C 62 13.40 -16.51 4.95
N TYR C 63 12.99 -15.29 4.55
CA TYR C 63 11.64 -14.84 4.87
C TYR C 63 10.59 -15.69 4.16
N SER C 64 10.88 -16.14 2.94
CA SER C 64 9.94 -16.95 2.19
C SER C 64 9.72 -18.32 2.82
N ASN C 65 10.64 -18.76 3.68
CA ASN C 65 10.52 -20.00 4.42
C ASN C 65 10.04 -19.77 5.85
N GLY C 66 9.56 -18.56 6.17
CA GLY C 66 8.88 -18.30 7.42
C GLY C 66 9.73 -17.61 8.46
N TYR C 67 11.02 -17.42 8.21
CA TYR C 67 11.86 -16.76 9.20
C TYR C 67 11.60 -15.27 9.21
N ARG C 68 11.84 -14.68 10.38
CA ARG C 68 11.64 -13.24 10.59
C ARG C 68 12.89 -12.69 11.26
N ALA C 69 12.91 -11.36 11.48
CA ALA C 69 14.12 -10.70 11.94
C ALA C 69 14.66 -11.32 13.21
N ASP C 70 13.77 -11.67 14.16
N ASP C 70 13.79 -11.61 14.18
CA ASP C 70 14.16 -12.27 15.42
CA ASP C 70 14.27 -12.12 15.46
C ASP C 70 14.55 -13.74 15.30
C ASP C 70 15.02 -13.45 15.33
N ASP C 71 14.38 -14.35 14.14
N ASP C 71 14.78 -14.19 14.25
CA ASP C 71 14.84 -15.71 13.92
CA ASP C 71 15.43 -15.48 14.04
C ASP C 71 16.23 -15.77 13.29
C ASP C 71 16.80 -15.35 13.39
N ILE C 72 16.86 -14.63 12.98
N ILE C 72 17.10 -14.21 12.78
CA ILE C 72 18.09 -14.55 12.20
CA ILE C 72 18.32 -14.11 11.98
C ILE C 72 19.25 -14.24 13.14
C ILE C 72 19.50 -13.91 12.92
N GLU C 73 20.39 -14.89 12.92
CA GLU C 73 21.60 -14.76 13.73
C GLU C 73 22.64 -13.84 13.12
N ALA C 74 22.87 -13.93 11.81
CA ALA C 74 23.93 -13.17 11.17
C ALA C 74 23.78 -13.26 9.67
N LEU C 75 24.42 -12.31 8.96
CA LEU C 75 24.42 -12.29 7.50
C LEU C 75 25.88 -12.08 7.08
N ALA C 76 26.34 -12.84 6.11
CA ALA C 76 27.68 -12.64 5.52
C ALA C 76 27.52 -12.29 4.06
N ILE C 77 28.35 -11.35 3.57
CA ILE C 77 28.30 -10.90 2.19
C ILE C 77 29.74 -10.77 1.72
N VAL C 78 30.07 -11.41 0.59
CA VAL C 78 31.46 -11.48 0.16
C VAL C 78 31.59 -11.15 -1.33
N THR C 79 32.79 -10.71 -1.68
CA THR C 79 33.20 -10.45 -3.07
C THR C 79 34.66 -10.84 -3.23
N ASP C 80 35.21 -10.61 -4.43
CA ASP C 80 36.65 -10.71 -4.68
C ASP C 80 37.25 -9.36 -5.08
N GLY C 81 36.61 -8.27 -4.63
CA GLY C 81 37.03 -6.94 -5.02
C GLY C 81 38.32 -6.51 -4.34
N ASP C 82 38.89 -5.42 -4.86
N ASP C 82 38.88 -5.42 -4.86
CA ASP C 82 40.15 -4.93 -4.33
CA ASP C 82 40.15 -4.91 -4.34
C ASP C 82 40.02 -4.36 -2.92
C ASP C 82 40.01 -4.42 -2.91
N ARG C 83 38.83 -3.94 -2.52
CA ARG C 83 38.58 -3.51 -1.15
C ARG C 83 37.29 -4.16 -0.67
N VAL C 84 37.08 -4.15 0.65
CA VAL C 84 35.90 -4.78 1.21
C VAL C 84 34.67 -3.94 0.85
N GLY C 85 33.67 -4.58 0.26
CA GLY C 85 32.46 -3.89 -0.15
C GLY C 85 31.33 -4.06 0.83
N ALA C 86 30.44 -3.08 0.83
CA ALA C 86 29.24 -3.11 1.65
C ALA C 86 28.04 -3.33 0.75
N PRO C 87 26.91 -3.75 1.31
CA PRO C 87 25.68 -3.83 0.50
C PRO C 87 25.36 -2.48 -0.13
N CYS C 88 24.82 -2.52 -1.34
CA CYS C 88 24.43 -1.28 -2.01
C CYS C 88 23.22 -0.65 -1.31
N GLY C 89 22.87 0.56 -1.72
CA GLY C 89 21.78 1.27 -1.06
C GLY C 89 20.45 0.57 -1.15
N ILE C 90 20.17 -0.12 -2.26
CA ILE C 90 18.93 -0.90 -2.34
C ILE C 90 18.88 -1.94 -1.22
N CYS C 91 19.97 -2.71 -1.11
CA CYS C 91 20.06 -3.77 -0.11
C CYS C 91 20.02 -3.20 1.29
N ARG C 92 20.62 -2.04 1.52
CA ARG C 92 20.52 -1.43 2.84
C ARG C 92 19.08 -1.09 3.20
N GLN C 93 18.32 -0.58 2.22
CA GLN C 93 16.91 -0.29 2.49
C GLN C 93 16.15 -1.57 2.86
N VAL C 94 16.43 -2.67 2.17
CA VAL C 94 15.80 -3.94 2.51
C VAL C 94 16.24 -4.42 3.90
N LEU C 95 17.55 -4.42 4.16
CA LEU C 95 18.03 -4.90 5.46
C LEU C 95 17.55 -4.02 6.61
N SER C 96 17.33 -2.73 6.36
N SER C 96 17.33 -2.74 6.37
CA SER C 96 16.79 -1.85 7.39
CA SER C 96 16.81 -1.87 7.43
C SER C 96 15.44 -2.34 7.87
C SER C 96 15.39 -2.25 7.83
N GLU C 97 14.66 -2.91 7.02
CA GLU C 97 13.35 -3.45 7.32
C GLU C 97 13.43 -4.87 7.90
N LEU C 98 14.32 -5.70 7.35
CA LEU C 98 14.23 -7.14 7.59
C LEU C 98 15.20 -7.67 8.64
N LEU C 99 16.17 -6.87 9.07
CA LEU C 99 17.09 -7.27 10.13
C LEU C 99 16.88 -6.39 11.36
N ASN C 100 17.21 -6.95 12.52
CA ASN C 100 17.31 -6.15 13.74
C ASN C 100 18.57 -5.27 13.72
N ASP C 101 18.56 -4.26 14.60
N ASP C 101 18.52 -4.20 14.53
CA ASP C 101 19.59 -3.22 14.61
CA ASP C 101 19.52 -3.13 14.48
C ASP C 101 20.98 -3.77 14.92
C ASP C 101 20.94 -3.65 14.61
N ASN C 102 21.07 -4.87 15.66
N ASN C 102 21.14 -4.66 15.44
CA ASN C 102 22.37 -5.41 16.05
CA ASN C 102 22.47 -5.10 15.83
C ASN C 102 22.56 -6.85 15.60
C ASN C 102 22.88 -6.45 15.28
N THR C 103 21.99 -7.19 14.46
N THR C 103 22.04 -7.07 14.45
CA THR C 103 22.37 -8.42 13.77
CA THR C 103 22.42 -8.34 13.83
C THR C 103 23.68 -8.17 13.03
C THR C 103 23.70 -8.15 13.03
N PRO C 104 24.72 -8.96 13.26
CA PRO C 104 25.99 -8.70 12.60
C PRO C 104 25.90 -8.97 11.10
N ILE C 105 26.53 -8.08 10.35
CA ILE C 105 26.70 -8.23 8.92
C ILE C 105 28.20 -8.34 8.69
N TYR C 106 28.68 -9.52 8.29
CA TYR C 106 30.10 -9.73 8.03
C TYR C 106 30.37 -9.50 6.55
N LEU C 107 31.42 -8.74 6.27
CA LEU C 107 31.81 -8.38 4.91
C LEU C 107 33.24 -8.84 4.67
N SER C 108 33.50 -9.46 3.52
CA SER C 108 34.86 -9.86 3.24
C SER C 108 35.09 -9.92 1.74
N ASN C 109 36.29 -9.52 1.33
CA ASN C 109 36.79 -9.71 -0.02
C ASN C 109 37.79 -10.84 -0.13
N GLY C 110 37.88 -11.69 0.89
CA GLY C 110 38.87 -12.74 0.93
C GLY C 110 40.23 -12.31 1.43
N LYS C 111 40.52 -11.01 1.45
CA LYS C 111 41.77 -10.49 2.00
C LYS C 111 41.58 -9.79 3.33
N GLU C 112 40.44 -9.12 3.52
CA GLU C 112 40.12 -8.40 4.74
C GLU C 112 38.67 -8.70 5.09
N THR C 113 38.35 -8.56 6.36
CA THR C 113 37.01 -8.79 6.86
C THR C 113 36.60 -7.65 7.77
N LEU C 114 35.35 -7.20 7.61
CA LEU C 114 34.76 -6.18 8.44
C LEU C 114 33.46 -6.68 9.02
N GLU C 115 33.05 -6.10 10.14
CA GLU C 115 31.78 -6.39 10.77
C GLU C 115 31.01 -5.09 10.88
N LYS C 116 29.77 -5.09 10.40
CA LYS C 116 28.92 -3.90 10.44
C LYS C 116 27.56 -4.30 10.99
N THR C 117 26.76 -3.29 11.27
CA THR C 117 25.34 -3.46 11.51
C THR C 117 24.57 -2.50 10.60
N ILE C 118 23.25 -2.71 10.49
CA ILE C 118 22.52 -1.92 9.51
C ILE C 118 22.50 -0.45 9.91
N ASP C 119 22.47 -0.15 11.22
CA ASP C 119 22.48 1.25 11.63
C ASP C 119 23.76 1.96 11.20
N GLU C 120 24.89 1.26 11.23
N GLU C 120 24.90 1.27 11.23
CA GLU C 120 26.15 1.86 10.79
CA GLU C 120 26.14 1.88 10.78
C GLU C 120 26.15 2.16 9.29
C GLU C 120 26.11 2.18 9.30
N LEU C 121 25.40 1.37 8.51
CA LEU C 121 25.43 1.50 7.06
C LEU C 121 24.37 2.44 6.53
N LEU C 122 23.35 2.78 7.31
CA LEU C 122 22.23 3.55 6.78
C LEU C 122 21.79 4.55 7.84
N PRO C 123 22.32 5.77 7.82
CA PRO C 123 21.82 6.79 8.74
C PRO C 123 20.43 7.26 8.32
N MET C 124 19.72 7.87 9.27
CA MET C 124 18.43 8.51 8.99
C MET C 124 17.47 7.58 8.25
N ARG C 125 17.24 6.41 8.83
CA ARG C 125 16.43 5.39 8.18
C ARG C 125 14.98 5.80 8.06
N PHE C 126 14.37 5.50 6.91
CA PHE C 126 12.93 5.57 6.74
C PHE C 126 12.33 4.22 7.09
N THR C 127 11.49 4.19 8.11
CA THR C 127 11.09 2.91 8.68
C THR C 127 9.60 2.65 8.47
N LYS C 128 9.23 1.41 8.77
CA LYS C 128 7.82 1.02 8.78
C LYS C 128 7.01 1.99 9.61
N GLU C 129 7.50 2.37 10.78
CA GLU C 129 6.72 3.26 11.63
C GLU C 129 6.59 4.66 11.04
N ASP C 130 7.61 5.14 10.32
CA ASP C 130 7.45 6.43 9.65
C ASP C 130 6.29 6.39 8.66
N LEU C 131 6.14 5.29 7.94
CA LEU C 131 5.06 5.18 6.97
C LEU C 131 3.72 4.94 7.67
N LEU C 132 3.66 3.94 8.56
CA LEU C 132 2.39 3.60 9.18
C LEU C 132 1.84 4.75 10.02
N GLY C 133 2.72 5.60 10.55
CA GLY C 133 2.29 6.72 11.39
C GLY C 133 1.91 7.96 10.63
N HIS C 134 2.04 7.97 9.32
CA HIS C 134 1.80 9.15 8.50
C HIS C 134 0.33 9.51 8.48
N MET D 1 18.41 30.89 -7.88
CA MET D 1 17.30 30.51 -7.02
C MET D 1 17.80 30.17 -5.62
N ASN D 2 17.14 30.72 -4.61
CA ASN D 2 17.55 30.46 -3.24
C ASN D 2 16.90 29.18 -2.71
N LYS D 3 17.34 28.76 -1.53
CA LYS D 3 16.89 27.51 -0.94
C LYS D 3 15.39 27.51 -0.71
N GLU D 4 14.84 28.63 -0.24
CA GLU D 4 13.41 28.70 0.04
C GLU D 4 12.59 28.54 -1.22
N ASP D 5 13.02 29.17 -2.33
CA ASP D 5 12.27 29.04 -3.58
C ASP D 5 12.40 27.62 -4.14
N LEU D 6 13.55 26.98 -3.97
CA LEU D 6 13.70 25.62 -4.43
C LEU D 6 12.82 24.67 -3.63
N LEU D 7 12.78 24.84 -2.31
CA LEU D 7 11.87 24.06 -1.50
C LEU D 7 10.41 24.27 -1.92
N LYS D 8 10.05 25.51 -2.26
N LYS D 8 10.04 25.51 -2.24
CA LYS D 8 8.70 25.76 -2.75
CA LYS D 8 8.68 25.77 -2.71
C LYS D 8 8.40 24.98 -4.03
C LYS D 8 8.35 24.96 -3.96
N LYS D 9 9.37 24.88 -4.93
N LYS D 9 9.30 24.86 -4.90
CA LYS D 9 9.18 24.05 -6.11
CA LYS D 9 9.05 24.05 -6.08
C LYS D 9 8.93 22.60 -5.74
C LYS D 9 8.90 22.57 -5.73
N ALA D 10 9.69 22.07 -4.77
CA ALA D 10 9.52 20.69 -4.35
C ALA D 10 8.16 20.49 -3.70
N PHE D 11 7.68 21.45 -2.91
CA PHE D 11 6.31 21.34 -2.37
C PHE D 11 5.25 21.35 -3.47
N GLU D 12 5.48 22.09 -4.56
N GLU D 12 5.47 22.14 -4.54
CA GLU D 12 4.54 22.05 -5.69
CA GLU D 12 4.59 22.07 -5.70
C GLU D 12 4.60 20.71 -6.41
C GLU D 12 4.58 20.67 -6.28
N ALA D 13 5.77 20.10 -6.48
CA ALA D 13 5.89 18.77 -7.07
C ALA D 13 5.17 17.73 -6.21
N MET D 14 5.19 17.90 -4.89
CA MET D 14 4.55 16.96 -4.00
C MET D 14 3.06 16.81 -4.32
N GLU D 15 2.41 17.88 -4.80
CA GLU D 15 1.01 17.80 -5.17
C GLU D 15 0.76 17.00 -6.45
N ASN D 16 1.82 16.69 -7.20
CA ASN D 16 1.71 15.90 -8.42
C ASN D 16 1.98 14.43 -8.17
N ALA D 17 2.20 14.02 -6.92
CA ALA D 17 2.49 12.62 -6.64
C ALA D 17 1.35 11.72 -7.09
N TYR D 18 1.69 10.52 -7.54
CA TYR D 18 0.73 9.48 -7.88
C TYR D 18 0.96 8.38 -6.84
N ALA D 19 0.14 8.36 -5.78
CA ALA D 19 0.36 7.45 -4.67
C ALA D 19 -0.98 6.88 -4.20
N PRO D 20 -1.67 6.13 -5.07
CA PRO D 20 -2.99 5.60 -4.70
C PRO D 20 -2.95 4.57 -3.60
N TYR D 21 -1.78 3.98 -3.33
CA TYR D 21 -1.69 2.84 -2.44
C TYR D 21 -1.23 3.27 -1.05
N SER D 22 -0.21 4.12 -0.96
CA SER D 22 0.23 4.56 0.36
C SER D 22 -0.39 5.88 0.79
N ASN D 23 -0.84 6.70 -0.17
N ASN D 23 -0.88 6.68 -0.18
CA ASN D 23 -1.27 8.07 0.10
CA ASN D 23 -1.26 8.08 0.08
C ASN D 23 -0.14 8.96 0.61
C ASN D 23 -0.14 8.82 0.83
N TYR D 24 1.11 8.51 0.48
CA TYR D 24 2.26 9.23 1.01
C TYR D 24 2.89 9.98 -0.14
N HIS D 25 2.90 11.31 -0.08
CA HIS D 25 3.38 12.14 -1.19
C HIS D 25 4.76 12.68 -0.92
N VAL D 26 5.63 12.59 -1.92
CA VAL D 26 6.98 13.14 -1.85
C VAL D 26 7.15 14.06 -3.05
N GLY D 27 7.69 15.25 -2.82
CA GLY D 27 8.04 16.15 -3.91
C GLY D 27 9.54 16.38 -3.97
N ALA D 28 10.04 16.64 -5.16
CA ALA D 28 11.45 16.93 -5.30
C ALA D 28 11.63 17.95 -6.41
N CYS D 29 12.73 18.68 -6.35
CA CYS D 29 13.10 19.55 -7.45
C CYS D 29 14.60 19.56 -7.57
N ALA D 30 15.09 19.25 -8.76
CA ALA D 30 16.50 19.33 -9.09
C ALA D 30 16.75 20.67 -9.77
N LEU D 31 17.67 21.46 -9.25
CA LEU D 31 18.01 22.77 -9.81
C LEU D 31 19.33 22.65 -10.54
N MET D 32 19.34 23.03 -11.80
CA MET D 32 20.56 23.05 -12.59
C MET D 32 21.29 24.37 -12.42
N LYS D 33 22.62 24.34 -12.61
CA LYS D 33 23.41 25.57 -12.53
C LYS D 33 22.92 26.63 -13.50
N ASP D 34 22.34 26.24 -14.63
CA ASP D 34 21.85 27.21 -15.60
C ASP D 34 20.48 27.78 -15.23
N GLY D 35 19.93 27.35 -14.10
CA GLY D 35 18.66 27.86 -13.61
C GLY D 35 17.47 26.98 -13.93
N THR D 36 17.62 25.99 -14.80
CA THR D 36 16.53 25.10 -15.16
C THR D 36 16.16 24.26 -13.94
N THR D 37 14.87 24.00 -13.76
CA THR D 37 14.41 23.11 -12.70
C THR D 37 13.70 21.90 -13.30
N PHE D 38 13.81 20.78 -12.58
CA PHE D 38 13.10 19.55 -12.91
C PHE D 38 12.35 19.09 -11.68
N LEU D 39 11.04 19.05 -11.77
CA LEU D 39 10.21 18.50 -10.69
C LEU D 39 10.28 16.98 -10.69
N GLY D 40 10.07 16.40 -9.51
CA GLY D 40 9.90 14.97 -9.37
C GLY D 40 8.88 14.68 -8.31
N ALA D 41 8.10 13.63 -8.50
CA ALA D 41 7.17 13.18 -7.49
C ALA D 41 7.19 11.66 -7.48
N ASN D 42 6.78 11.06 -6.36
CA ASN D 42 6.72 9.61 -6.32
C ASN D 42 5.55 9.10 -7.15
N ILE D 43 5.75 7.94 -7.77
N ILE D 43 5.78 7.98 -7.82
CA ILE D 43 4.80 7.38 -8.72
CA ILE D 43 4.82 7.37 -8.74
C ILE D 43 4.69 5.89 -8.41
C ILE D 43 4.71 5.89 -8.37
N GLU D 44 3.60 5.50 -7.75
CA GLU D 44 3.41 4.13 -7.32
C GLU D 44 2.84 3.27 -8.44
N ASN D 45 2.84 1.96 -8.21
CA ASN D 45 2.27 0.98 -9.12
C ASN D 45 1.64 -0.13 -8.30
N ALA D 46 0.56 -0.71 -8.84
CA ALA D 46 -0.09 -1.82 -8.18
C ALA D 46 0.88 -2.95 -7.85
N SER D 47 1.89 -3.16 -8.71
CA SER D 47 3.03 -4.00 -8.34
C SER D 47 4.02 -3.08 -7.62
N TYR D 48 4.07 -3.18 -6.28
CA TYR D 48 4.74 -2.14 -5.51
C TYR D 48 6.19 -1.94 -5.90
N GLY D 49 6.88 -3.02 -6.30
CA GLY D 49 8.28 -2.92 -6.66
C GLY D 49 8.55 -2.07 -7.89
N ALA D 50 7.52 -1.74 -8.68
CA ALA D 50 7.71 -0.84 -9.82
C ALA D 50 7.55 0.63 -9.45
N THR D 51 7.26 0.94 -8.17
CA THR D 51 7.18 2.31 -7.68
C THR D 51 8.49 3.07 -7.87
N ASN D 52 8.38 4.34 -8.28
CA ASN D 52 9.54 5.22 -8.35
C ASN D 52 9.43 6.35 -7.34
N CYS D 53 10.55 6.69 -6.74
CA CYS D 53 10.63 7.77 -5.77
C CYS D 53 10.72 9.14 -6.45
N GLY D 54 10.24 10.16 -5.74
CA GLY D 54 10.19 11.49 -6.34
C GLY D 54 11.56 12.08 -6.68
N GLU D 55 12.55 11.86 -5.83
CA GLU D 55 13.88 12.41 -6.13
C GLU D 55 14.53 11.69 -7.31
N ARG D 56 14.23 10.39 -7.49
CA ARG D 56 14.64 9.72 -8.73
C ARG D 56 13.92 10.31 -9.94
N SER D 57 12.60 10.54 -9.85
CA SER D 57 11.89 11.18 -10.96
C SER D 57 12.61 12.46 -11.40
N ALA D 58 12.99 13.30 -10.44
CA ALA D 58 13.59 14.60 -10.76
C ALA D 58 14.97 14.44 -11.40
N ILE D 59 15.82 13.60 -10.83
N ILE D 59 15.82 13.59 -10.83
CA ILE D 59 17.18 13.50 -11.33
CA ILE D 59 17.19 13.48 -11.31
C ILE D 59 17.19 12.78 -12.68
C ILE D 59 17.23 12.74 -12.64
N PHE D 60 16.35 11.76 -12.84
CA PHE D 60 16.27 11.09 -14.13
C PHE D 60 15.79 12.04 -15.21
N ALA D 61 14.87 12.94 -14.87
CA ALA D 61 14.42 13.93 -15.85
C ALA D 61 15.57 14.84 -16.26
N ALA D 62 16.36 15.28 -15.29
CA ALA D 62 17.49 16.16 -15.59
C ALA D 62 18.50 15.46 -16.52
N TYR D 63 18.87 14.23 -16.18
CA TYR D 63 19.82 13.51 -17.00
C TYR D 63 19.27 13.25 -18.38
N SER D 64 17.96 12.98 -18.48
CA SER D 64 17.35 12.67 -19.77
C SER D 64 17.35 13.87 -20.70
N ASN D 65 17.54 15.06 -20.15
CA ASN D 65 17.65 16.30 -20.94
C ASN D 65 19.08 16.74 -21.10
N GLY D 66 20.05 15.88 -20.78
CA GLY D 66 21.45 16.11 -21.07
C GLY D 66 22.25 16.68 -19.93
N TYR D 67 21.64 16.96 -18.78
CA TYR D 67 22.41 17.45 -17.66
C TYR D 67 23.16 16.30 -17.00
N ARG D 68 24.31 16.62 -16.44
CA ARG D 68 25.13 15.65 -15.73
C ARG D 68 25.46 16.19 -14.34
N ALA D 69 26.16 15.39 -13.53
CA ALA D 69 26.41 15.78 -12.14
C ALA D 69 26.99 17.18 -12.05
N ASP D 70 27.96 17.48 -12.91
CA ASP D 70 28.65 18.76 -12.85
C ASP D 70 27.72 19.93 -13.14
N ASP D 71 26.57 19.66 -13.75
CA ASP D 71 25.63 20.71 -14.12
C ASP D 71 24.55 20.96 -13.08
N ILE D 72 24.53 20.18 -12.01
CA ILE D 72 23.43 20.22 -11.04
C ILE D 72 23.88 21.12 -9.90
N GLU D 73 23.02 22.07 -9.52
N GLU D 73 23.02 22.06 -9.51
CA GLU D 73 23.29 22.99 -8.42
CA GLU D 73 23.31 22.99 -8.43
C GLU D 73 22.84 22.42 -7.08
C GLU D 73 22.81 22.50 -7.08
N ALA D 74 21.62 21.89 -7.01
CA ALA D 74 21.04 21.50 -5.72
C ALA D 74 19.87 20.60 -6.00
N LEU D 75 19.48 19.85 -4.96
CA LEU D 75 18.30 18.98 -5.01
C LEU D 75 17.51 19.21 -3.73
N ALA D 76 16.20 19.39 -3.84
CA ALA D 76 15.33 19.51 -2.68
C ALA D 76 14.36 18.34 -2.69
N ILE D 77 14.08 17.79 -1.51
CA ILE D 77 13.18 16.65 -1.36
C ILE D 77 12.33 16.92 -0.13
N VAL D 78 11.01 16.84 -0.27
CA VAL D 78 10.12 17.27 0.80
C VAL D 78 8.99 16.29 1.00
N THR D 79 8.47 16.31 2.22
CA THR D 79 7.29 15.56 2.64
C THR D 79 6.45 16.45 3.55
N ASP D 80 5.34 15.89 4.06
CA ASP D 80 4.62 16.50 5.18
C ASP D 80 4.68 15.59 6.42
N GLY D 81 5.74 14.79 6.53
CA GLY D 81 5.88 13.86 7.62
C GLY D 81 6.15 14.51 8.98
N ASP D 82 6.01 13.70 10.03
N ASP D 82 6.03 13.71 10.03
CA ASP D 82 6.24 14.18 11.38
CA ASP D 82 6.23 14.17 11.39
C ASP D 82 7.68 14.61 11.60
C ASP D 82 7.68 14.53 11.69
N ARG D 83 8.64 13.95 10.96
CA ARG D 83 10.05 14.31 11.08
C ARG D 83 10.62 14.47 9.68
N VAL D 84 11.79 15.09 9.60
CA VAL D 84 12.40 15.30 8.30
C VAL D 84 12.94 13.97 7.79
N GLY D 85 12.53 13.60 6.58
CA GLY D 85 12.97 12.36 5.97
C GLY D 85 14.12 12.56 5.00
N ALA D 86 14.95 11.51 4.89
CA ALA D 86 16.03 11.44 3.92
C ALA D 86 15.61 10.57 2.75
N PRO D 87 16.32 10.66 1.61
CA PRO D 87 16.07 9.70 0.53
C PRO D 87 16.26 8.26 1.02
N CYS D 88 15.46 7.35 0.48
CA CYS D 88 15.60 5.96 0.85
C CYS D 88 16.90 5.38 0.29
N GLY D 89 17.21 4.14 0.68
CA GLY D 89 18.45 3.53 0.26
C GLY D 89 18.58 3.39 -1.24
N ILE D 90 17.47 3.10 -1.94
CA ILE D 90 17.53 3.02 -3.41
C ILE D 90 18.00 4.35 -3.98
N CYS D 91 17.35 5.43 -3.51
CA CYS D 91 17.66 6.75 -4.02
C CYS D 91 19.06 7.17 -3.63
N ARG D 92 19.55 6.76 -2.47
CA ARG D 92 20.93 7.08 -2.11
C ARG D 92 21.91 6.41 -3.06
N GLN D 93 21.63 5.16 -3.46
CA GLN D 93 22.49 4.49 -4.42
C GLN D 93 22.53 5.27 -5.73
N VAL D 94 21.38 5.73 -6.21
CA VAL D 94 21.33 6.51 -7.43
C VAL D 94 22.07 7.84 -7.26
N LEU D 95 21.77 8.58 -6.19
CA LEU D 95 22.38 9.89 -6.02
C LEU D 95 23.88 9.77 -5.79
N SER D 96 24.34 8.65 -5.22
N SER D 96 24.35 8.66 -5.22
CA SER D 96 25.77 8.41 -5.00
CA SER D 96 25.79 8.53 -5.01
C SER D 96 26.53 8.40 -6.32
C SER D 96 26.53 8.47 -6.35
N GLU D 97 25.88 8.00 -7.41
CA GLU D 97 26.49 8.01 -8.71
C GLU D 97 26.22 9.27 -9.50
N LEU D 98 25.03 9.85 -9.35
CA LEU D 98 24.58 10.91 -10.22
C LEU D 98 24.80 12.31 -9.67
N LEU D 99 25.18 12.46 -8.39
CA LEU D 99 25.51 13.77 -7.83
C LEU D 99 26.96 13.80 -7.42
N ASN D 100 27.57 14.99 -7.50
CA ASN D 100 28.88 15.22 -6.91
C ASN D 100 28.75 15.42 -5.40
N ASP D 101 29.90 15.30 -4.72
CA ASP D 101 29.90 15.32 -3.26
C ASP D 101 29.66 16.70 -2.66
N ASN D 102 29.71 17.78 -3.45
CA ASN D 102 29.45 19.12 -2.93
C ASN D 102 28.02 19.59 -3.19
N THR D 103 27.20 18.80 -3.85
CA THR D 103 25.86 19.27 -4.20
C THR D 103 24.92 19.18 -3.01
N PRO D 104 24.34 20.28 -2.58
CA PRO D 104 23.45 20.21 -1.40
C PRO D 104 22.15 19.49 -1.72
N ILE D 105 21.71 18.69 -0.74
CA ILE D 105 20.41 18.05 -0.76
C ILE D 105 19.64 18.67 0.40
N TYR D 106 18.61 19.43 0.09
CA TYR D 106 17.79 20.09 1.10
C TYR D 106 16.59 19.22 1.39
N LEU D 107 16.33 18.96 2.66
CA LEU D 107 15.27 18.08 3.11
C LEU D 107 14.33 18.89 4.01
N SER D 108 13.02 18.78 3.78
CA SER D 108 12.10 19.52 4.64
C SER D 108 10.79 18.77 4.74
N ASN D 109 10.19 18.83 5.93
CA ASN D 109 8.85 18.33 6.14
C ASN D 109 7.86 19.46 6.31
N GLY D 110 8.23 20.67 5.91
CA GLY D 110 7.39 21.82 6.09
C GLY D 110 7.48 22.47 7.46
N LYS D 111 8.11 21.82 8.43
CA LYS D 111 8.29 22.36 9.77
C LYS D 111 9.75 22.62 10.10
N GLU D 112 10.64 21.78 9.60
CA GLU D 112 12.08 21.90 9.80
C GLU D 112 12.75 21.58 8.47
N THR D 113 13.96 22.09 8.30
CA THR D 113 14.76 21.86 7.10
C THR D 113 16.17 21.44 7.48
N LEU D 114 16.70 20.46 6.75
CA LEU D 114 18.07 19.98 6.92
C LEU D 114 18.77 20.07 5.57
N GLU D 115 20.09 20.13 5.63
CA GLU D 115 20.93 20.11 4.44
C GLU D 115 21.92 18.97 4.58
N LYS D 116 22.00 18.12 3.56
CA LYS D 116 22.97 17.02 3.54
C LYS D 116 23.71 16.99 2.21
N THR D 117 24.85 16.32 2.18
CA THR D 117 25.45 15.90 0.92
C THR D 117 25.43 14.36 0.87
N ILE D 118 25.65 13.81 -0.32
CA ILE D 118 25.38 12.39 -0.47
C ILE D 118 26.34 11.53 0.34
N ASP D 119 27.58 11.98 0.53
CA ASP D 119 28.52 11.13 1.28
C ASP D 119 28.08 10.92 2.72
N GLU D 120 27.40 11.93 3.31
CA GLU D 120 26.89 11.80 4.67
C GLU D 120 25.82 10.72 4.76
N LEU D 121 25.07 10.52 3.70
CA LEU D 121 23.93 9.62 3.74
C LEU D 121 24.28 8.19 3.36
N LEU D 122 25.45 7.95 2.78
CA LEU D 122 25.78 6.61 2.30
C LEU D 122 27.25 6.31 2.54
N PRO D 123 27.59 5.72 3.68
CA PRO D 123 28.99 5.33 3.90
C PRO D 123 29.36 4.15 3.02
N MET D 124 30.67 3.94 2.84
CA MET D 124 31.20 2.78 2.10
C MET D 124 30.50 2.59 0.75
N ARG D 125 30.54 3.63 -0.07
CA ARG D 125 29.82 3.60 -1.34
C ARG D 125 30.48 2.66 -2.34
N PHE D 126 29.66 1.99 -3.15
CA PHE D 126 30.10 1.20 -4.28
C PHE D 126 29.95 2.05 -5.52
N THR D 127 31.08 2.39 -6.16
CA THR D 127 31.14 3.43 -7.18
C THR D 127 31.36 2.85 -8.57
N LYS D 128 31.12 3.72 -9.57
CA LYS D 128 31.41 3.39 -10.96
C LYS D 128 32.83 2.87 -11.11
N GLU D 129 33.81 3.55 -10.50
CA GLU D 129 35.16 3.06 -10.70
C GLU D 129 35.45 1.77 -9.94
N ASP D 130 34.75 1.51 -8.82
CA ASP D 130 34.88 0.19 -8.21
C ASP D 130 34.52 -0.92 -9.19
N LEU D 131 33.47 -0.71 -9.98
CA LEU D 131 33.06 -1.72 -10.94
C LEU D 131 33.93 -1.71 -12.18
N LEU D 132 34.13 -0.53 -12.79
CA LEU D 132 34.91 -0.49 -14.04
C LEU D 132 36.36 -0.88 -13.82
N GLY D 133 36.92 -0.61 -12.65
CA GLY D 133 38.29 -0.96 -12.37
C GLY D 133 38.47 -2.36 -11.85
N HIS D 134 37.39 -3.15 -11.74
CA HIS D 134 37.46 -4.49 -11.18
C HIS D 134 38.22 -5.43 -12.12
N MET E 1 -15.39 41.20 -6.45
CA MET E 1 -14.64 40.60 -7.55
C MET E 1 -15.17 41.09 -8.89
N ASN E 2 -14.27 41.59 -9.74
N ASN E 2 -14.28 41.60 -9.74
CA ASN E 2 -14.67 42.11 -11.04
CA ASN E 2 -14.71 42.13 -11.03
C ASN E 2 -14.78 41.00 -12.08
C ASN E 2 -14.74 41.01 -12.08
N LYS E 3 -15.20 41.36 -13.29
CA LYS E 3 -15.38 40.36 -14.34
C LYS E 3 -14.06 39.71 -14.73
N GLU E 4 -13.00 40.51 -14.84
CA GLU E 4 -11.69 39.95 -15.19
C GLU E 4 -11.24 38.91 -14.17
N ASP E 5 -11.44 39.19 -12.88
CA ASP E 5 -11.00 38.25 -11.85
C ASP E 5 -11.88 37.00 -11.85
N LEU E 6 -13.17 37.16 -12.13
CA LEU E 6 -14.04 36.00 -12.18
C LEU E 6 -13.67 35.11 -13.36
N LEU E 7 -13.38 35.72 -14.51
CA LEU E 7 -12.94 34.94 -15.65
C LEU E 7 -11.65 34.18 -15.33
N LYS E 8 -10.72 34.82 -14.59
CA LYS E 8 -9.51 34.10 -14.18
C LYS E 8 -9.85 32.86 -13.36
N LYS E 9 -10.82 32.96 -12.46
CA LYS E 9 -11.22 31.77 -11.70
C LYS E 9 -11.76 30.69 -12.62
N ALA E 10 -12.56 31.07 -13.63
CA ALA E 10 -13.08 30.08 -14.56
C ALA E 10 -11.94 29.43 -15.34
N PHE E 11 -10.91 30.19 -15.71
CA PHE E 11 -9.77 29.58 -16.39
C PHE E 11 -9.04 28.61 -15.47
N GLU E 12 -8.96 28.93 -14.18
N GLU E 12 -8.98 28.90 -14.18
CA GLU E 12 -8.41 27.98 -13.21
CA GLU E 12 -8.40 27.98 -13.20
C GLU E 12 -9.22 26.69 -13.21
C GLU E 12 -9.21 26.70 -13.11
N ALA E 13 -10.54 26.81 -13.16
CA ALA E 13 -11.40 25.63 -13.12
C ALA E 13 -11.23 24.79 -14.38
N MET E 14 -10.99 25.44 -15.51
N MET E 14 -10.94 25.43 -15.51
CA MET E 14 -10.84 24.73 -16.77
CA MET E 14 -10.77 24.67 -16.75
C MET E 14 -9.73 23.68 -16.70
C MET E 14 -9.64 23.65 -16.63
N GLU E 15 -8.69 23.93 -15.91
N GLU E 15 -8.60 23.96 -15.86
CA GLU E 15 -7.60 22.98 -15.75
CA GLU E 15 -7.53 23.00 -15.62
C GLU E 15 -7.97 21.79 -14.85
C GLU E 15 -8.02 21.73 -14.94
N ASN E 16 -9.14 21.80 -14.23
CA ASN E 16 -9.63 20.67 -13.46
C ASN E 16 -10.61 19.82 -14.24
N ALA E 17 -10.83 20.10 -15.52
CA ALA E 17 -11.77 19.30 -16.28
C ALA E 17 -11.34 17.84 -16.33
N TYR E 18 -12.33 16.96 -16.35
CA TYR E 18 -12.13 15.53 -16.53
C TYR E 18 -12.77 15.19 -17.87
N ALA E 19 -11.96 15.19 -18.93
CA ALA E 19 -12.49 15.01 -20.29
C ALA E 19 -11.64 14.01 -21.06
N PRO E 20 -11.57 12.76 -20.61
CA PRO E 20 -10.72 11.77 -21.28
C PRO E 20 -11.15 11.46 -22.68
N TYR E 21 -12.41 11.73 -23.02
CA TYR E 21 -12.94 11.26 -24.28
C TYR E 21 -12.93 12.34 -25.35
N SER E 22 -13.30 13.57 -25.01
CA SER E 22 -13.26 14.63 -26.02
C SER E 22 -12.01 15.48 -25.96
N ASN E 23 -11.33 15.51 -24.83
N ASN E 23 -11.24 15.42 -24.87
CA ASN E 23 -10.19 16.39 -24.59
CA ASN E 23 -10.20 16.41 -24.55
C ASN E 23 -10.57 17.87 -24.55
C ASN E 23 -10.62 17.84 -24.88
N TYR E 24 -11.88 18.17 -24.56
CA TYR E 24 -12.37 19.53 -24.67
C TYR E 24 -12.64 20.00 -23.24
N HIS E 25 -11.96 21.04 -22.80
CA HIS E 25 -12.03 21.49 -21.41
C HIS E 25 -12.87 22.75 -21.29
N VAL E 26 -13.78 22.76 -20.31
CA VAL E 26 -14.61 23.92 -20.01
C VAL E 26 -14.43 24.26 -18.55
N GLY E 27 -14.21 25.53 -18.24
CA GLY E 27 -14.19 25.98 -16.87
C GLY E 27 -15.32 26.95 -16.59
N ALA E 28 -15.76 26.97 -15.36
CA ALA E 28 -16.81 27.88 -14.96
C ALA E 28 -16.56 28.31 -13.52
N CYS E 29 -17.09 29.48 -13.18
CA CYS E 29 -17.06 29.92 -11.79
C CYS E 29 -18.33 30.70 -11.51
N ALA E 30 -19.09 30.27 -10.51
CA ALA E 30 -20.26 30.99 -10.04
C ALA E 30 -19.86 31.84 -8.84
N LEU E 31 -20.14 33.13 -8.92
CA LEU E 31 -19.79 34.08 -7.87
C LEU E 31 -21.04 34.44 -7.08
N MET E 32 -21.01 34.23 -5.78
CA MET E 32 -22.11 34.61 -4.89
C MET E 32 -21.95 36.08 -4.47
N LYS E 33 -23.10 36.71 -4.16
CA LYS E 33 -23.08 38.08 -3.65
C LYS E 33 -22.24 38.21 -2.39
N ASP E 34 -22.15 37.17 -1.56
CA ASP E 34 -21.32 37.26 -0.37
C ASP E 34 -19.83 37.08 -0.66
N GLY E 35 -19.45 36.88 -1.91
CA GLY E 35 -18.06 36.75 -2.31
C GLY E 35 -17.58 35.33 -2.48
N THR E 36 -18.35 34.34 -2.03
CA THR E 36 -17.98 32.95 -2.20
C THR E 36 -17.96 32.61 -3.68
N THR E 37 -16.99 31.80 -4.11
CA THR E 37 -16.95 31.29 -5.46
C THR E 37 -17.09 29.79 -5.47
N PHE E 38 -17.68 29.27 -6.55
CA PHE E 38 -17.78 27.84 -6.79
C PHE E 38 -17.24 27.54 -8.18
N LEU E 39 -16.15 26.78 -8.23
CA LEU E 39 -15.62 26.35 -9.51
C LEU E 39 -16.46 25.23 -10.09
N GLY E 40 -16.45 25.13 -11.42
CA GLY E 40 -17.05 24.00 -12.09
C GLY E 40 -16.22 23.64 -13.30
N ALA E 41 -16.15 22.36 -13.61
CA ALA E 41 -15.50 21.90 -14.82
C ALA E 41 -16.30 20.76 -15.39
N ASN E 42 -16.15 20.52 -16.69
CA ASN E 42 -16.87 19.41 -17.30
C ASN E 42 -16.27 18.09 -16.84
N ILE E 43 -17.14 17.10 -16.65
N ILE E 43 -17.15 17.10 -16.67
CA ILE E 43 -16.75 15.78 -16.13
CA ILE E 43 -16.83 15.79 -16.11
C ILE E 43 -17.42 14.73 -17.00
C ILE E 43 -17.46 14.75 -17.04
N GLU E 44 -16.64 14.12 -17.87
CA GLU E 44 -17.17 13.16 -18.83
C GLU E 44 -17.30 11.76 -18.21
N ASN E 45 -17.98 10.86 -18.92
CA ASN E 45 -18.15 9.49 -18.51
C ASN E 45 -18.09 8.61 -19.74
N ALA E 46 -17.59 7.38 -19.57
CA ALA E 46 -17.52 6.44 -20.69
C ALA E 46 -18.90 6.22 -21.31
N SER E 47 -19.98 6.28 -20.50
CA SER E 47 -21.31 6.42 -21.06
C SER E 47 -21.56 7.91 -21.25
N TYR E 48 -21.48 8.37 -22.51
CA TYR E 48 -21.37 9.81 -22.76
C TYR E 48 -22.54 10.59 -22.17
N GLY E 49 -23.75 10.03 -22.18
CA GLY E 49 -24.90 10.74 -21.65
C GLY E 49 -24.83 11.06 -20.17
N ALA E 50 -23.93 10.44 -19.42
CA ALA E 50 -23.73 10.78 -18.01
C ALA E 50 -22.76 11.94 -17.82
N THR E 51 -22.20 12.51 -18.90
CA THR E 51 -21.32 13.67 -18.81
C THR E 51 -22.04 14.86 -18.20
N ASN E 52 -21.33 15.63 -17.38
CA ASN E 52 -21.83 16.87 -16.86
C ASN E 52 -21.00 18.05 -17.34
N CYS E 53 -21.66 19.14 -17.66
CA CYS E 53 -21.02 20.35 -18.13
C CYS E 53 -20.46 21.17 -16.97
N GLY E 54 -19.42 21.95 -17.26
CA GLY E 54 -18.78 22.71 -16.19
C GLY E 54 -19.66 23.76 -15.53
N GLU E 55 -20.48 24.46 -16.30
CA GLU E 55 -21.34 25.47 -15.70
C GLU E 55 -22.43 24.84 -14.81
N ARG E 56 -22.87 23.62 -15.16
CA ARG E 56 -23.75 22.88 -14.26
C ARG E 56 -23.01 22.45 -13.01
N SER E 57 -21.76 21.97 -13.14
CA SER E 57 -21.00 21.63 -11.92
C SER E 57 -20.95 22.81 -10.96
N ALA E 58 -20.71 24.02 -11.47
CA ALA E 58 -20.56 25.18 -10.60
C ALA E 58 -21.88 25.56 -9.94
N ILE E 59 -22.96 25.61 -10.72
N ILE E 59 -22.96 25.64 -10.72
N ILE E 59 -22.97 25.63 -10.71
CA ILE E 59 -24.25 26.07 -10.18
CA ILE E 59 -24.23 26.08 -10.14
CA ILE E 59 -24.22 26.09 -10.13
C ILE E 59 -24.86 25.04 -9.25
C ILE E 59 -24.78 25.04 -9.18
C ILE E 59 -24.84 25.03 -9.22
N PHE E 60 -24.64 23.75 -9.51
CA PHE E 60 -25.13 22.71 -8.60
C PHE E 60 -24.37 22.75 -7.29
N ALA E 61 -23.06 23.06 -7.34
CA ALA E 61 -22.31 23.19 -6.12
C ALA E 61 -22.83 24.35 -5.29
N ALA E 62 -23.13 25.48 -5.93
CA ALA E 62 -23.66 26.63 -5.18
C ALA E 62 -24.99 26.26 -4.50
N TYR E 63 -25.91 25.67 -5.25
CA TYR E 63 -27.21 25.34 -4.68
C TYR E 63 -27.09 24.31 -3.58
N SER E 64 -26.16 23.36 -3.74
CA SER E 64 -25.98 22.30 -2.74
C SER E 64 -25.47 22.85 -1.43
N ASN E 65 -24.92 24.07 -1.45
CA ASN E 65 -24.45 24.71 -0.23
C ASN E 65 -25.44 25.77 0.24
N GLY E 66 -26.67 25.76 -0.30
CA GLY E 66 -27.77 26.55 0.21
C GLY E 66 -28.02 27.82 -0.54
N TYR E 67 -27.16 28.18 -1.50
CA TYR E 67 -27.37 29.39 -2.28
C TYR E 67 -28.53 29.22 -3.24
N ARG E 68 -29.20 30.32 -3.54
CA ARG E 68 -30.32 30.36 -4.46
C ARG E 68 -30.12 31.48 -5.48
N ALA E 69 -31.04 31.61 -6.41
CA ALA E 69 -30.83 32.51 -7.54
C ALA E 69 -30.53 33.92 -7.07
N ASP E 70 -31.27 34.38 -6.04
N ASP E 70 -31.25 34.39 -6.04
CA ASP E 70 -31.12 35.72 -5.46
CA ASP E 70 -31.04 35.76 -5.58
C ASP E 70 -29.81 35.92 -4.72
C ASP E 70 -29.71 35.96 -4.87
N ASP E 71 -28.97 34.89 -4.62
N ASP E 71 -29.07 34.88 -4.44
CA ASP E 71 -27.65 35.03 -4.04
CA ASP E 71 -27.77 34.97 -3.80
C ASP E 71 -26.54 35.06 -5.08
C ASP E 71 -26.61 35.01 -4.79
N ILE E 72 -26.82 34.60 -6.30
N ILE E 72 -26.87 34.92 -6.10
CA ILE E 72 -25.81 34.60 -7.35
CA ILE E 72 -25.82 34.68 -7.10
C ILE E 72 -25.56 36.03 -7.77
C ILE E 72 -25.56 35.98 -7.85
N GLU E 73 -24.30 36.40 -7.92
CA GLU E 73 -23.92 37.67 -8.53
C GLU E 73 -23.58 37.53 -10.01
N ALA E 74 -22.87 36.47 -10.41
CA ALA E 74 -22.46 36.34 -11.81
C ALA E 74 -21.99 34.91 -12.05
N LEU E 75 -21.94 34.53 -13.32
CA LEU E 75 -21.40 33.24 -13.72
C LEU E 75 -20.44 33.46 -14.87
N ALA E 76 -19.26 32.85 -14.81
CA ALA E 76 -18.34 32.90 -15.92
C ALA E 76 -18.13 31.50 -16.48
N ILE E 77 -18.01 31.37 -17.80
CA ILE E 77 -17.84 30.09 -18.48
C ILE E 77 -16.82 30.29 -19.60
N VAL E 78 -15.78 29.46 -19.65
CA VAL E 78 -14.65 29.71 -20.53
C VAL E 78 -14.22 28.44 -21.23
N THR E 79 -13.59 28.64 -22.40
CA THR E 79 -13.00 27.59 -23.19
C THR E 79 -11.70 28.11 -23.79
N ASP E 80 -11.05 27.28 -24.61
CA ASP E 80 -9.96 27.75 -25.47
C ASP E 80 -10.33 27.60 -26.95
N GLY E 81 -11.61 27.64 -27.27
CA GLY E 81 -12.04 27.39 -28.63
C GLY E 81 -11.78 28.57 -29.56
N ASP E 82 -11.97 28.29 -30.85
CA ASP E 82 -11.70 29.27 -31.88
C ASP E 82 -12.68 30.43 -31.84
N ARG E 83 -13.91 30.21 -31.36
CA ARG E 83 -14.85 31.30 -31.17
C ARG E 83 -15.40 31.22 -29.75
N VAL E 84 -16.04 32.29 -29.30
CA VAL E 84 -16.59 32.31 -27.95
C VAL E 84 -17.82 31.42 -27.93
N GLY E 85 -17.82 30.47 -27.01
CA GLY E 85 -18.91 29.52 -26.86
C GLY E 85 -19.91 29.91 -25.78
N ALA E 86 -21.14 29.49 -25.98
CA ALA E 86 -22.22 29.67 -25.03
C ALA E 86 -22.53 28.34 -24.35
N PRO E 87 -23.21 28.38 -23.21
CA PRO E 87 -23.69 27.13 -22.60
C PRO E 87 -24.55 26.34 -23.56
N CYS E 88 -24.44 25.01 -23.53
CA CYS E 88 -25.25 24.19 -24.42
C CYS E 88 -26.72 24.24 -23.99
N GLY E 89 -27.60 23.61 -24.78
CA GLY E 89 -29.01 23.72 -24.50
C GLY E 89 -29.38 23.08 -23.16
N ILE E 90 -28.71 22.00 -22.77
CA ILE E 90 -29.00 21.41 -21.46
C ILE E 90 -28.76 22.44 -20.36
N CYS E 91 -27.59 23.09 -20.44
CA CYS E 91 -27.21 24.05 -19.41
C CYS E 91 -28.12 25.25 -19.45
N ARG E 92 -28.56 25.65 -20.64
CA ARG E 92 -29.52 26.76 -20.72
C ARG E 92 -30.82 26.42 -20.00
N GLN E 93 -31.28 25.18 -20.15
CA GLN E 93 -32.50 24.78 -19.44
C GLN E 93 -32.31 24.85 -17.94
N VAL E 94 -31.15 24.42 -17.45
CA VAL E 94 -30.86 24.50 -16.02
C VAL E 94 -30.76 25.96 -15.58
N LEU E 95 -29.98 26.77 -16.29
CA LEU E 95 -29.80 28.16 -15.90
C LEU E 95 -31.09 28.95 -15.97
N SER E 96 -31.99 28.58 -16.89
N SER E 96 -32.02 28.58 -16.86
CA SER E 96 -33.30 29.23 -16.98
CA SER E 96 -33.28 29.31 -16.94
C SER E 96 -34.04 29.14 -15.67
C SER E 96 -34.11 29.13 -15.68
N GLU E 97 -33.89 28.04 -14.94
CA GLU E 97 -34.57 27.83 -13.67
C GLU E 97 -33.75 28.35 -12.48
N LEU E 98 -32.42 28.27 -12.56
CA LEU E 98 -31.59 28.51 -11.39
C LEU E 98 -30.98 29.90 -11.32
N LEU E 99 -31.03 30.68 -12.40
CA LEU E 99 -30.51 32.05 -12.39
C LEU E 99 -31.68 33.00 -12.58
N ASN E 100 -31.55 34.20 -12.02
CA ASN E 100 -32.43 35.31 -12.38
C ASN E 100 -32.15 35.80 -13.80
N ASP E 101 -33.12 36.54 -14.35
N ASP E 101 -33.17 36.45 -14.38
CA ASP E 101 -32.93 37.12 -15.67
CA ASP E 101 -33.21 36.70 -15.82
C ASP E 101 -31.83 38.18 -15.70
C ASP E 101 -31.97 37.44 -16.32
N ASN E 102 -31.49 38.80 -14.57
N ASN E 102 -31.48 38.40 -15.54
CA ASN E 102 -30.53 39.89 -14.59
CA ASN E 102 -30.43 39.30 -16.00
C ASN E 102 -29.10 39.45 -14.29
C ASN E 102 -29.11 39.13 -15.28
N THR E 103 -28.87 38.16 -14.07
N THR E 103 -28.96 38.07 -14.47
CA THR E 103 -27.53 37.69 -13.67
CA THR E 103 -27.67 37.79 -13.85
C THR E 103 -26.63 37.62 -14.90
C THR E 103 -26.63 37.62 -14.95
N PRO E 104 -25.50 38.32 -14.91
CA PRO E 104 -24.58 38.27 -16.05
C PRO E 104 -23.92 36.91 -16.19
N ILE E 105 -23.80 36.47 -17.43
CA ILE E 105 -23.05 35.28 -17.79
C ILE E 105 -21.91 35.75 -18.66
N TYR E 106 -20.69 35.64 -18.18
CA TYR E 106 -19.54 36.10 -18.93
C TYR E 106 -18.96 34.89 -19.66
N LEU E 107 -18.65 35.07 -20.93
CA LEU E 107 -18.19 34.01 -21.80
C LEU E 107 -16.86 34.44 -22.41
N SER E 108 -15.87 33.56 -22.40
CA SER E 108 -14.60 33.93 -22.99
C SER E 108 -13.88 32.69 -23.50
N ASN E 109 -13.22 32.84 -24.64
CA ASN E 109 -12.34 31.82 -25.19
C ASN E 109 -10.88 32.16 -25.01
N GLY E 110 -10.58 33.12 -24.13
CA GLY E 110 -9.22 33.56 -23.95
C GLY E 110 -8.76 34.60 -24.93
N LYS E 111 -9.51 34.85 -26.00
CA LYS E 111 -9.20 35.90 -26.99
C LYS E 111 -10.23 37.01 -27.01
N GLU E 112 -11.51 36.66 -26.92
CA GLU E 112 -12.60 37.61 -26.88
C GLU E 112 -13.51 37.26 -25.71
N THR E 113 -14.33 38.22 -25.31
CA THR E 113 -15.26 38.06 -24.20
C THR E 113 -16.63 38.60 -24.60
N LEU E 114 -17.67 37.91 -24.17
CA LEU E 114 -19.05 38.33 -24.37
C LEU E 114 -19.78 38.28 -23.04
N GLU E 115 -20.85 39.05 -22.94
CA GLU E 115 -21.70 39.04 -21.75
C GLU E 115 -23.11 38.77 -22.22
N LYS E 116 -23.76 37.78 -21.61
CA LYS E 116 -25.11 37.39 -21.97
C LYS E 116 -25.94 37.26 -20.70
N THR E 117 -27.24 37.17 -20.88
CA THR E 117 -28.15 36.77 -19.83
C THR E 117 -28.93 35.55 -20.33
N ILE E 118 -29.56 34.85 -19.39
CA ILE E 118 -30.21 33.60 -19.78
C ILE E 118 -31.36 33.88 -20.73
N ASP E 119 -32.06 35.00 -20.55
CA ASP E 119 -33.15 35.33 -21.45
C ASP E 119 -32.67 35.48 -22.89
N GLU E 120 -31.48 36.05 -23.09
CA GLU E 120 -30.94 36.20 -24.44
C GLU E 120 -30.60 34.84 -25.06
N LEU E 121 -30.23 33.86 -24.26
CA LEU E 121 -29.77 32.58 -24.78
C LEU E 121 -30.89 31.55 -24.97
N LEU E 122 -32.08 31.78 -24.41
CA LEU E 122 -33.12 30.76 -24.45
C LEU E 122 -34.47 31.44 -24.65
N PRO E 123 -34.90 31.60 -25.91
CA PRO E 123 -36.25 32.13 -26.17
C PRO E 123 -37.31 31.12 -25.76
N MET E 124 -38.54 31.61 -25.54
CA MET E 124 -39.71 30.74 -25.29
C MET E 124 -39.43 29.72 -24.20
N ARG E 125 -39.04 30.22 -23.03
CA ARG E 125 -38.64 29.34 -21.93
C ARG E 125 -39.84 28.57 -21.39
N PHE E 126 -39.61 27.30 -21.05
CA PHE E 126 -40.56 26.51 -20.28
C PHE E 126 -40.18 26.62 -18.82
N THR E 127 -41.07 27.18 -18.01
CA THR E 127 -40.73 27.60 -16.66
C THR E 127 -41.46 26.76 -15.61
N LYS E 128 -40.99 26.92 -14.37
CA LYS E 128 -41.66 26.31 -13.22
C LYS E 128 -43.15 26.62 -13.23
N GLU E 129 -43.50 27.89 -13.53
CA GLU E 129 -44.90 28.28 -13.51
C GLU E 129 -45.69 27.61 -14.62
N ASP E 130 -45.07 27.42 -15.79
CA ASP E 130 -45.78 26.68 -16.83
C ASP E 130 -46.14 25.28 -16.36
N LEU E 131 -45.27 24.64 -15.61
CA LEU E 131 -45.56 23.29 -15.14
C LEU E 131 -46.52 23.33 -13.97
N LEU E 132 -46.24 24.13 -12.95
CA LEU E 132 -47.09 24.13 -11.75
C LEU E 132 -48.51 24.60 -12.05
N GLY E 133 -48.70 25.45 -13.06
CA GLY E 133 -50.02 25.90 -13.41
C GLY E 133 -50.78 25.03 -14.39
N HIS E 134 -50.19 23.94 -14.86
CA HIS E 134 -50.80 23.14 -15.89
C HIS E 134 -52.02 22.41 -15.35
N HIS E 135 -53.17 22.62 -16.02
CA HIS E 135 -54.44 21.99 -15.61
C HIS E 135 -54.81 22.31 -14.16
N HIS E 136 -54.47 23.51 -13.71
CA HIS E 136 -54.72 23.89 -12.32
C HIS E 136 -56.21 24.00 -12.02
N MET F 1 -12.30 12.74 10.17
CA MET F 1 -13.75 12.70 10.28
C MET F 1 -14.26 11.26 10.30
N ASN F 2 -15.13 10.95 11.26
CA ASN F 2 -15.67 9.61 11.37
C ASN F 2 -16.94 9.45 10.53
N LYS F 3 -17.43 8.21 10.48
CA LYS F 3 -18.60 7.91 9.66
C LYS F 3 -19.84 8.69 10.13
N GLU F 4 -20.05 8.79 11.43
CA GLU F 4 -21.22 9.51 11.93
C GLU F 4 -21.15 10.99 11.58
N ASP F 5 -19.96 11.58 11.64
CA ASP F 5 -19.83 13.00 11.31
C ASP F 5 -20.02 13.24 9.82
N LEU F 6 -19.57 12.29 8.98
CA LEU F 6 -19.80 12.42 7.55
C LEU F 6 -21.28 12.32 7.22
N LEU F 7 -21.99 11.37 7.84
CA LEU F 7 -23.44 11.29 7.65
C LEU F 7 -24.11 12.59 8.08
N LYS F 8 -23.66 13.19 9.18
N LYS F 8 -23.67 13.17 9.20
CA LYS F 8 -24.24 14.46 9.61
CA LYS F 8 -24.24 14.43 9.64
C LYS F 8 -24.06 15.54 8.54
C LYS F 8 -24.13 15.51 8.58
N LYS F 9 -22.90 15.55 7.87
N LYS F 9 -22.98 15.57 7.89
CA LYS F 9 -22.72 16.51 6.79
CA LYS F 9 -22.83 16.57 6.84
C LYS F 9 -23.72 16.27 5.66
C LYS F 9 -23.75 16.27 5.66
N ALA F 10 -23.95 15.00 5.33
CA ALA F 10 -24.92 14.68 4.28
C ALA F 10 -26.33 15.07 4.68
N PHE F 11 -26.69 14.89 5.97
CA PHE F 11 -28.00 15.36 6.40
C PHE F 11 -28.10 16.87 6.31
N GLU F 12 -27.01 17.59 6.61
N GLU F 12 -27.00 17.59 6.57
CA GLU F 12 -26.99 19.03 6.38
CA GLU F 12 -27.00 19.03 6.38
C GLU F 12 -27.25 19.35 4.91
C GLU F 12 -27.17 19.40 4.91
N ALA F 13 -26.56 18.64 4.01
CA ALA F 13 -26.77 18.89 2.58
C ALA F 13 -28.20 18.64 2.16
N MET F 14 -28.84 17.62 2.75
N MET F 14 -28.83 17.63 2.76
CA MET F 14 -30.21 17.31 2.38
CA MET F 14 -30.20 17.29 2.42
C MET F 14 -31.13 18.51 2.57
C MET F 14 -31.13 18.47 2.60
N GLU F 15 -30.87 19.31 3.60
CA GLU F 15 -31.68 20.50 3.83
C GLU F 15 -31.47 21.58 2.76
N ASN F 16 -30.46 21.45 1.90
CA ASN F 16 -30.23 22.40 0.82
C ASN F 16 -30.83 21.96 -0.50
N ALA F 17 -31.52 20.83 -0.54
CA ALA F 17 -32.07 20.33 -1.78
C ALA F 17 -33.03 21.33 -2.41
N TYR F 18 -33.06 21.35 -3.75
CA TYR F 18 -33.99 22.16 -4.53
C TYR F 18 -34.88 21.17 -5.28
N ALA F 19 -36.03 20.85 -4.70
CA ALA F 19 -36.91 19.81 -5.22
C ALA F 19 -38.34 20.34 -5.22
N PRO F 20 -38.63 21.39 -5.97
CA PRO F 20 -39.98 21.96 -5.96
C PRO F 20 -41.04 21.07 -6.59
N TYR F 21 -40.66 20.05 -7.35
CA TYR F 21 -41.63 19.23 -8.06
C TYR F 21 -41.95 17.95 -7.28
N SER F 22 -40.94 17.24 -6.81
CA SER F 22 -41.16 16.00 -6.08
C SER F 22 -41.27 16.19 -4.58
N ASN F 23 -40.66 17.25 -4.06
CA ASN F 23 -40.46 17.45 -2.63
C ASN F 23 -39.65 16.32 -1.98
N TYR F 24 -38.87 15.56 -2.77
CA TYR F 24 -38.05 14.48 -2.25
C TYR F 24 -36.64 15.02 -2.12
N HIS F 25 -36.08 15.00 -0.90
N HIS F 25 -36.08 14.96 -0.91
CA HIS F 25 -34.79 15.61 -0.62
CA HIS F 25 -34.78 15.57 -0.62
C HIS F 25 -33.71 14.56 -0.41
C HIS F 25 -33.71 14.51 -0.45
N VAL F 26 -32.57 14.73 -1.10
CA VAL F 26 -31.41 13.86 -0.96
C VAL F 26 -30.23 14.72 -0.60
N GLY F 27 -29.43 14.27 0.36
CA GLY F 27 -28.18 14.92 0.70
C GLY F 27 -27.00 13.99 0.47
N ALA F 28 -25.85 14.60 0.19
CA ALA F 28 -24.63 13.83 -0.02
C ALA F 28 -23.46 14.65 0.48
N CYS F 29 -22.41 13.96 0.89
CA CYS F 29 -21.16 14.62 1.22
C CYS F 29 -20.01 13.75 0.77
N ALA F 30 -19.14 14.31 -0.06
CA ALA F 30 -17.92 13.63 -0.49
C ALA F 30 -16.78 14.12 0.40
N LEU F 31 -16.09 13.19 1.07
CA LEU F 31 -14.99 13.51 1.95
C LEU F 31 -13.68 13.18 1.25
N MET F 32 -12.79 14.17 1.16
CA MET F 32 -11.46 13.97 0.58
C MET F 32 -10.49 13.45 1.64
N LYS F 33 -9.45 12.76 1.17
CA LYS F 33 -8.41 12.27 2.09
C LYS F 33 -7.73 13.41 2.84
N ASP F 34 -7.70 14.61 2.27
CA ASP F 34 -7.10 15.76 2.94
C ASP F 34 -8.04 16.44 3.94
N GLY F 35 -9.26 15.91 4.11
CA GLY F 35 -10.22 16.43 5.05
C GLY F 35 -11.24 17.38 4.47
N THR F 36 -11.05 17.85 3.25
CA THR F 36 -12.04 18.73 2.62
C THR F 36 -13.33 17.96 2.38
N THR F 37 -14.45 18.64 2.57
CA THR F 37 -15.76 18.08 2.25
C THR F 37 -16.43 18.86 1.14
N PHE F 38 -17.27 18.16 0.36
CA PHE F 38 -18.12 18.77 -0.65
C PHE F 38 -19.54 18.28 -0.45
N LEU F 39 -20.44 19.20 -0.16
CA LEU F 39 -21.85 18.87 -0.06
C LEU F 39 -22.48 18.72 -1.44
N GLY F 40 -23.53 17.91 -1.50
CA GLY F 40 -24.32 17.83 -2.70
C GLY F 40 -25.77 17.63 -2.34
N ALA F 41 -26.69 18.19 -3.12
CA ALA F 41 -28.11 17.99 -2.91
C ALA F 41 -28.74 17.85 -4.28
N ASN F 42 -29.92 17.22 -4.33
CA ASN F 42 -30.61 17.11 -5.60
C ASN F 42 -31.20 18.47 -5.99
N ILE F 43 -31.25 18.70 -7.31
N ILE F 43 -31.16 18.72 -7.31
CA ILE F 43 -31.61 19.99 -7.88
CA ILE F 43 -31.59 19.99 -7.91
C ILE F 43 -32.48 19.71 -9.11
C ILE F 43 -32.50 19.60 -9.08
N GLU F 44 -33.78 19.88 -8.94
CA GLU F 44 -34.76 19.56 -9.98
C GLU F 44 -34.89 20.69 -10.98
N ASN F 45 -35.57 20.41 -12.08
CA ASN F 45 -35.86 21.36 -13.13
C ASN F 45 -37.26 21.07 -13.68
N ALA F 46 -37.94 22.13 -14.14
CA ALA F 46 -39.26 21.97 -14.74
C ALA F 46 -39.22 20.99 -15.89
N SER F 47 -38.11 20.93 -16.64
CA SER F 47 -37.88 19.83 -17.58
C SER F 47 -37.21 18.74 -16.77
N TYR F 48 -37.97 17.69 -16.42
CA TYR F 48 -37.50 16.76 -15.38
C TYR F 48 -36.16 16.12 -15.74
N GLY F 49 -35.92 15.88 -17.04
CA GLY F 49 -34.66 15.24 -17.44
C GLY F 49 -33.42 16.08 -17.15
N ALA F 50 -33.56 17.37 -16.85
CA ALA F 50 -32.42 18.20 -16.48
C ALA F 50 -32.13 18.15 -14.98
N THR F 51 -32.89 17.38 -14.20
CA THR F 51 -32.65 17.23 -12.77
C THR F 51 -31.29 16.60 -12.51
N ASN F 52 -30.62 17.03 -11.45
CA ASN F 52 -29.36 16.45 -11.02
C ASN F 52 -29.53 15.84 -9.64
N CYS F 53 -28.91 14.69 -9.41
CA CYS F 53 -28.95 14.02 -8.13
C CYS F 53 -27.91 14.59 -7.17
N GLY F 54 -28.19 14.45 -5.87
CA GLY F 54 -27.30 15.01 -4.86
C GLY F 54 -25.91 14.41 -4.86
N GLU F 55 -25.79 13.11 -5.05
CA GLU F 55 -24.46 12.52 -5.02
C GLU F 55 -23.64 12.92 -6.24
N ARG F 56 -24.29 13.18 -7.38
CA ARG F 56 -23.58 13.78 -8.52
C ARG F 56 -23.17 15.21 -8.21
N SER F 57 -24.05 16.02 -7.61
CA SER F 57 -23.64 17.37 -7.22
C SER F 57 -22.34 17.34 -6.40
N ALA F 58 -22.27 16.43 -5.43
CA ALA F 58 -21.11 16.42 -4.54
C ALA F 58 -19.83 15.98 -5.27
N ILE F 59 -19.90 14.89 -6.03
N ILE F 59 -19.91 14.90 -6.05
CA ILE F 59 -18.69 14.38 -6.68
CA ILE F 59 -18.70 14.38 -6.69
C ILE F 59 -18.23 15.34 -7.78
C ILE F 59 -18.24 15.30 -7.82
N PHE F 60 -19.17 15.93 -8.52
CA PHE F 60 -18.79 16.90 -9.55
C PHE F 60 -18.11 18.11 -8.93
N ALA F 61 -18.57 18.53 -7.75
CA ALA F 61 -17.90 19.62 -7.06
C ALA F 61 -16.47 19.25 -6.70
N ALA F 62 -16.27 18.04 -6.18
CA ALA F 62 -14.93 17.61 -5.81
C ALA F 62 -14.00 17.60 -7.02
N TYR F 63 -14.45 16.98 -8.12
CA TYR F 63 -13.62 16.93 -9.32
C TYR F 63 -13.36 18.32 -9.88
N SER F 64 -14.35 19.22 -9.80
CA SER F 64 -14.18 20.57 -10.33
C SER F 64 -13.14 21.37 -9.56
N ASN F 65 -12.80 20.94 -8.36
CA ASN F 65 -11.78 21.56 -7.55
C ASN F 65 -10.47 20.80 -7.60
N GLY F 66 -10.34 19.86 -8.53
CA GLY F 66 -9.10 19.19 -8.82
C GLY F 66 -8.90 17.86 -8.13
N TYR F 67 -9.84 17.40 -7.33
CA TYR F 67 -9.72 16.09 -6.70
C TYR F 67 -10.05 15.00 -7.70
N ARG F 68 -9.40 13.86 -7.53
CA ARG F 68 -9.60 12.68 -8.37
C ARG F 68 -9.87 11.47 -7.50
N ALA F 69 -10.15 10.33 -8.13
CA ALA F 69 -10.58 9.15 -7.37
C ALA F 69 -9.63 8.82 -6.25
N ASP F 70 -8.34 8.85 -6.52
CA ASP F 70 -7.35 8.46 -5.53
C ASP F 70 -7.34 9.42 -4.35
N ASP F 71 -7.94 10.60 -4.49
CA ASP F 71 -7.96 11.59 -3.43
C ASP F 71 -9.21 11.54 -2.56
N ILE F 72 -10.17 10.68 -2.88
CA ILE F 72 -11.45 10.63 -2.19
C ILE F 72 -11.40 9.58 -1.10
N GLU F 73 -11.85 9.95 0.10
CA GLU F 73 -11.89 9.05 1.24
C GLU F 73 -13.20 8.29 1.35
N ALA F 74 -14.33 8.97 1.18
CA ALA F 74 -15.61 8.31 1.40
C ALA F 74 -16.71 9.18 0.82
N LEU F 75 -17.88 8.59 0.59
CA LEU F 75 -19.04 9.34 0.14
C LEU F 75 -20.23 8.92 0.98
N ALA F 76 -21.03 9.87 1.45
CA ALA F 76 -22.26 9.54 2.19
C ALA F 76 -23.44 10.07 1.40
N ILE F 77 -24.53 9.31 1.38
CA ILE F 77 -25.74 9.69 0.66
C ILE F 77 -26.92 9.35 1.54
N VAL F 78 -27.78 10.33 1.79
CA VAL F 78 -28.84 10.17 2.79
C VAL F 78 -30.19 10.64 2.28
N THR F 79 -31.23 10.05 2.86
CA THR F 79 -32.60 10.46 2.65
C THR F 79 -33.32 10.40 4.00
N ASP F 80 -34.63 10.71 3.99
CA ASP F 80 -35.50 10.38 5.12
C ASP F 80 -36.59 9.38 4.72
N GLY F 81 -36.29 8.52 3.77
CA GLY F 81 -37.26 7.57 3.25
C GLY F 81 -37.50 6.40 4.19
N ASP F 82 -38.53 5.62 3.86
N ASP F 82 -38.52 5.62 3.84
CA ASP F 82 -38.93 4.51 4.75
CA ASP F 82 -38.95 4.51 4.69
C ASP F 82 -37.95 3.34 4.69
C ASP F 82 -37.94 3.38 4.71
N ARG F 83 -37.11 3.26 3.68
CA ARG F 83 -36.05 2.27 3.64
C ARG F 83 -34.78 2.95 3.16
N VAL F 84 -33.65 2.28 3.35
CA VAL F 84 -32.38 2.87 2.93
C VAL F 84 -32.28 2.82 1.42
N GLY F 85 -32.03 3.96 0.81
CA GLY F 85 -31.93 4.07 -0.64
C GLY F 85 -30.49 4.03 -1.13
N ALA F 86 -30.32 3.53 -2.33
CA ALA F 86 -29.04 3.54 -3.01
C ALA F 86 -29.05 4.61 -4.10
N PRO F 87 -27.87 5.02 -4.59
CA PRO F 87 -27.83 5.91 -5.75
C PRO F 87 -28.58 5.28 -6.92
N CYS F 88 -29.25 6.14 -7.71
CA CYS F 88 -29.94 5.63 -8.88
C CYS F 88 -28.93 5.15 -9.93
N GLY F 89 -29.44 4.55 -11.00
CA GLY F 89 -28.55 3.98 -12.01
C GLY F 89 -27.68 5.02 -12.69
N ILE F 90 -28.20 6.25 -12.91
CA ILE F 90 -27.38 7.31 -13.49
C ILE F 90 -26.16 7.56 -12.59
N CYS F 91 -26.42 7.72 -11.30
CA CYS F 91 -25.36 8.02 -10.35
C CYS F 91 -24.39 6.86 -10.22
N ARG F 92 -24.88 5.63 -10.30
CA ARG F 92 -23.96 4.49 -10.27
C ARG F 92 -23.02 4.51 -11.47
N GLN F 93 -23.52 4.89 -12.64
CA GLN F 93 -22.65 4.97 -13.80
C GLN F 93 -21.56 6.02 -13.58
N VAL F 94 -21.91 7.16 -12.99
CA VAL F 94 -20.92 8.19 -12.70
C VAL F 94 -19.92 7.69 -11.65
N LEU F 95 -20.41 7.14 -10.54
CA LEU F 95 -19.52 6.69 -9.48
C LEU F 95 -18.62 5.55 -9.94
N SER F 96 -19.11 4.72 -10.86
N SER F 96 -19.09 4.70 -10.85
CA SER F 96 -18.30 3.64 -11.43
CA SER F 96 -18.23 3.62 -11.32
C SER F 96 -17.01 4.17 -12.02
C SER F 96 -17.03 4.13 -12.10
N GLU F 97 -17.07 5.34 -12.63
N GLU F 97 -17.10 5.36 -12.59
CA GLU F 97 -15.86 5.89 -13.21
CA GLU F 97 -15.99 5.99 -13.27
C GLU F 97 -15.08 6.77 -12.25
C GLU F 97 -15.14 6.85 -12.36
N LEU F 98 -15.77 7.48 -11.35
CA LEU F 98 -15.12 8.51 -10.56
C LEU F 98 -14.65 8.04 -9.19
N LEU F 99 -15.03 6.85 -8.73
CA LEU F 99 -14.57 6.32 -7.45
C LEU F 99 -13.76 5.07 -7.68
N ASN F 100 -12.76 4.85 -6.82
CA ASN F 100 -12.10 3.58 -6.77
C ASN F 100 -12.93 2.53 -6.04
N ASP F 101 -12.54 1.27 -6.22
CA ASP F 101 -13.33 0.13 -5.74
C ASP F 101 -13.27 -0.02 -4.22
N ASN F 102 -12.32 0.62 -3.55
CA ASN F 102 -12.21 0.53 -2.10
C ASN F 102 -12.87 1.70 -1.38
N THR F 103 -13.46 2.65 -2.09
CA THR F 103 -13.98 3.83 -1.41
C THR F 103 -15.35 3.53 -0.84
N PRO F 104 -15.56 3.68 0.47
CA PRO F 104 -16.88 3.35 1.03
C PRO F 104 -17.93 4.37 0.65
N ILE F 105 -19.13 3.86 0.40
CA ILE F 105 -20.32 4.67 0.16
C ILE F 105 -21.26 4.35 1.30
N TYR F 106 -21.52 5.32 2.16
CA TYR F 106 -22.42 5.14 3.30
C TYR F 106 -23.81 5.63 2.90
N LEU F 107 -24.81 4.81 3.19
CA LEU F 107 -26.19 5.09 2.85
C LEU F 107 -27.00 5.10 4.13
N SER F 108 -27.82 6.13 4.34
CA SER F 108 -28.65 6.13 5.53
C SER F 108 -29.96 6.85 5.28
N ASN F 109 -31.02 6.36 5.92
CA ASN F 109 -32.30 7.05 5.93
C ASN F 109 -32.58 7.66 7.30
N GLY F 110 -31.56 7.76 8.15
CA GLY F 110 -31.71 8.25 9.51
C GLY F 110 -32.14 7.19 10.51
N LYS F 111 -32.61 6.03 10.05
CA LYS F 111 -32.99 4.93 10.92
C LYS F 111 -32.06 3.73 10.81
N GLU F 112 -31.51 3.50 9.63
CA GLU F 112 -30.55 2.43 9.39
C GLU F 112 -29.45 2.98 8.50
N THR F 113 -28.28 2.35 8.56
CA THR F 113 -27.13 2.75 7.77
C THR F 113 -26.48 1.52 7.15
N LEU F 114 -26.15 1.61 5.87
CA LEU F 114 -25.47 0.56 5.12
C LEU F 114 -24.17 1.12 4.58
N GLU F 115 -23.22 0.22 4.35
CA GLU F 115 -21.95 0.56 3.71
C GLU F 115 -21.83 -0.29 2.45
N LYS F 116 -21.52 0.38 1.33
CA LYS F 116 -21.37 -0.29 0.06
C LYS F 116 -20.11 0.20 -0.63
N THR F 117 -19.65 -0.56 -1.62
CA THR F 117 -18.69 -0.04 -2.59
C THR F 117 -19.36 -0.09 -3.96
N ILE F 118 -18.76 0.62 -4.93
CA ILE F 118 -19.47 0.79 -6.20
C ILE F 118 -19.64 -0.54 -6.92
N ASP F 119 -18.69 -1.46 -6.77
CA ASP F 119 -18.82 -2.73 -7.46
C ASP F 119 -20.05 -3.51 -6.99
N GLU F 120 -20.41 -3.38 -5.70
CA GLU F 120 -21.61 -4.06 -5.20
C GLU F 120 -22.88 -3.51 -5.83
N LEU F 121 -22.87 -2.25 -6.25
CA LEU F 121 -24.08 -1.62 -6.74
C LEU F 121 -24.24 -1.72 -8.25
N LEU F 122 -23.19 -2.06 -8.99
CA LEU F 122 -23.27 -2.05 -10.45
C LEU F 122 -22.49 -3.22 -11.01
N PRO F 123 -23.16 -4.36 -11.23
N PRO F 123 -23.15 -4.36 -11.23
CA PRO F 123 -22.50 -5.49 -11.90
CA PRO F 123 -22.49 -5.48 -11.90
C PRO F 123 -22.18 -5.13 -13.35
C PRO F 123 -22.20 -5.16 -13.36
N MET F 124 -21.24 -5.88 -13.95
CA MET F 124 -20.95 -5.78 -15.38
C MET F 124 -20.74 -4.33 -15.83
N ARG F 125 -19.82 -3.66 -15.19
CA ARG F 125 -19.59 -2.24 -15.44
C ARG F 125 -18.99 -2.00 -16.83
N PHE F 126 -19.44 -0.94 -17.49
CA PHE F 126 -18.82 -0.45 -18.71
C PHE F 126 -17.85 0.66 -18.32
N THR F 127 -16.57 0.42 -18.56
CA THR F 127 -15.51 1.25 -17.99
C THR F 127 -14.82 2.09 -19.07
N LYS F 128 -14.03 3.06 -18.59
CA LYS F 128 -13.18 3.86 -19.47
C LYS F 128 -12.35 2.96 -20.37
N GLU F 129 -11.74 1.91 -19.83
CA GLU F 129 -10.90 1.13 -20.71
C GLU F 129 -11.70 0.25 -21.66
N ASP F 130 -12.95 -0.12 -21.33
CA ASP F 130 -13.78 -0.79 -22.34
C ASP F 130 -13.99 0.10 -23.55
N LEU F 131 -14.12 1.40 -23.34
CA LEU F 131 -14.28 2.31 -24.46
C LEU F 131 -12.95 2.61 -25.12
N LEU F 132 -11.95 3.02 -24.35
CA LEU F 132 -10.69 3.45 -24.96
C LEU F 132 -9.96 2.27 -25.60
N GLY F 133 -10.17 1.05 -25.14
CA GLY F 133 -9.55 -0.11 -25.74
C GLY F 133 -10.28 -0.67 -26.93
N HIS F 134 -11.41 -0.07 -27.30
CA HIS F 134 -12.23 -0.56 -28.39
C HIS F 134 -11.58 -0.29 -29.74
N MET G 1 -15.26 -5.51 9.16
CA MET G 1 -15.98 -5.26 10.40
C MET G 1 -15.74 -3.84 10.89
N ASN G 2 -16.81 -3.13 11.23
CA ASN G 2 -16.69 -1.74 11.67
C ASN G 2 -16.44 -1.67 13.17
N LYS G 3 -16.25 -0.44 13.66
CA LYS G 3 -15.95 -0.26 15.08
C LYS G 3 -17.11 -0.72 15.96
N GLU G 4 -18.34 -0.40 15.58
CA GLU G 4 -19.48 -0.79 16.38
C GLU G 4 -19.60 -2.31 16.47
N ASP G 5 -19.33 -3.01 15.36
CA ASP G 5 -19.44 -4.45 15.36
C ASP G 5 -18.33 -5.08 16.20
N LEU G 6 -17.13 -4.51 16.16
CA LEU G 6 -16.04 -5.01 16.98
C LEU G 6 -16.32 -4.79 18.45
N LEU G 7 -16.87 -3.63 18.79
CA LEU G 7 -17.24 -3.39 20.18
C LEU G 7 -18.29 -4.39 20.65
N LYS G 8 -19.24 -4.73 19.77
CA LYS G 8 -20.24 -5.75 20.13
C LYS G 8 -19.58 -7.08 20.47
N LYS G 9 -18.55 -7.49 19.70
CA LYS G 9 -17.82 -8.70 20.02
C LYS G 9 -17.15 -8.61 21.38
N ALA G 10 -16.56 -7.46 21.69
CA ALA G 10 -15.93 -7.31 22.99
C ALA G 10 -16.97 -7.40 24.11
N PHE G 11 -18.17 -6.86 23.90
CA PHE G 11 -19.20 -7.00 24.93
C PHE G 11 -19.62 -8.46 25.08
N GLU G 12 -19.66 -9.21 23.99
N GLU G 12 -19.61 -9.23 24.00
CA GLU G 12 -19.88 -10.65 24.09
CA GLU G 12 -19.90 -10.66 24.09
C GLU G 12 -18.82 -11.30 24.97
C GLU G 12 -18.81 -11.39 24.88
N ALA G 13 -17.56 -10.98 24.70
CA ALA G 13 -16.47 -11.58 25.45
C ALA G 13 -16.56 -11.24 26.93
N MET G 14 -17.06 -10.05 27.26
CA MET G 14 -17.17 -9.63 28.64
C MET G 14 -18.02 -10.61 29.47
N GLU G 15 -19.02 -11.24 28.82
CA GLU G 15 -19.85 -12.22 29.51
C GLU G 15 -19.11 -13.52 29.81
N ASN G 16 -17.94 -13.73 29.23
CA ASN G 16 -17.13 -14.92 29.49
C ASN G 16 -16.08 -14.69 30.55
N ALA G 17 -16.05 -13.52 31.16
CA ALA G 17 -15.04 -13.28 32.19
C ALA G 17 -15.15 -14.28 33.33
N TYR G 18 -14.00 -14.60 33.90
CA TYR G 18 -13.90 -15.45 35.08
C TYR G 18 -13.33 -14.55 36.17
N ALA G 19 -14.22 -13.93 36.97
CA ALA G 19 -13.81 -12.94 37.96
C ALA G 19 -14.49 -13.20 39.29
N PRO G 20 -14.23 -14.36 39.90
CA PRO G 20 -14.90 -14.70 41.18
C PRO G 20 -14.55 -13.78 42.32
N TYR G 21 -13.43 -13.08 42.24
CA TYR G 21 -12.92 -12.33 43.37
C TYR G 21 -13.26 -10.87 43.29
N SER G 22 -13.16 -10.24 42.13
CA SER G 22 -13.52 -8.84 42.01
C SER G 22 -14.92 -8.61 41.49
N ASN G 23 -15.51 -9.59 40.80
N ASN G 23 -15.51 -9.56 40.81
CA ASN G 23 -16.73 -9.51 39.98
CA ASN G 23 -16.78 -9.32 40.15
C ASN G 23 -16.68 -8.44 38.88
C ASN G 23 -16.69 -8.14 39.16
N TYR G 24 -15.49 -7.91 38.59
CA TYR G 24 -15.31 -6.86 37.61
C TYR G 24 -15.01 -7.53 36.28
N HIS G 25 -15.86 -7.34 35.29
CA HIS G 25 -15.74 -8.04 34.01
C HIS G 25 -15.19 -7.15 32.92
N VAL G 26 -14.22 -7.65 32.17
CA VAL G 26 -13.64 -6.94 31.03
C VAL G 26 -13.74 -7.84 29.82
N GLY G 27 -14.20 -7.29 28.69
CA GLY G 27 -14.19 -8.01 27.45
C GLY G 27 -13.28 -7.34 26.45
N ALA G 28 -12.71 -8.15 25.56
CA ALA G 28 -11.85 -7.64 24.52
C ALA G 28 -12.06 -8.45 23.26
N CYS G 29 -11.78 -7.83 22.12
CA CYS G 29 -11.76 -8.57 20.86
C CYS G 29 -10.66 -8.00 19.99
N ALA G 30 -9.75 -8.87 19.55
CA ALA G 30 -8.71 -8.50 18.60
C ALA G 30 -9.17 -8.90 17.21
N LEU G 31 -9.20 -7.94 16.30
CA LEU G 31 -9.63 -8.19 14.92
C LEU G 31 -8.43 -8.26 14.01
N MET G 32 -8.27 -9.37 13.30
CA MET G 32 -7.21 -9.52 12.31
C MET G 32 -7.64 -8.92 10.97
N LYS G 33 -6.64 -8.51 10.19
CA LYS G 33 -6.91 -7.99 8.85
C LYS G 33 -7.62 -9.00 7.96
N ASP G 34 -7.40 -10.29 8.18
CA ASP G 34 -8.11 -11.29 7.38
C ASP G 34 -9.55 -11.54 7.85
N GLY G 35 -10.00 -10.84 8.89
CA GLY G 35 -11.36 -10.94 9.36
C GLY G 35 -11.54 -11.80 10.59
N THR G 36 -10.53 -12.60 10.94
CA THR G 36 -10.60 -13.45 12.12
C THR G 36 -10.67 -12.58 13.36
N THR G 37 -11.48 -13.01 14.32
CA THR G 37 -11.56 -12.35 15.62
C THR G 37 -11.09 -13.29 16.71
N PHE G 38 -10.50 -12.70 17.76
CA PHE G 38 -10.13 -13.43 18.97
C PHE G 38 -10.73 -12.72 20.17
N LEU G 39 -11.62 -13.40 20.86
CA LEU G 39 -12.18 -12.86 22.09
C LEU G 39 -11.16 -12.98 23.23
N GLY G 40 -11.28 -12.07 24.19
CA GLY G 40 -10.52 -12.18 25.42
C GLY G 40 -11.36 -11.69 26.57
N ALA G 41 -11.17 -12.31 27.72
CA ALA G 41 -11.83 -11.87 28.93
C ALA G 41 -10.86 -12.01 30.09
N ASN G 42 -11.09 -11.23 31.15
CA ASN G 42 -10.20 -11.35 32.31
C ASN G 42 -10.46 -12.67 33.02
N ILE G 43 -9.37 -13.25 33.55
N ILE G 43 -9.39 -13.28 33.53
CA ILE G 43 -9.34 -14.57 34.16
CA ILE G 43 -9.44 -14.58 34.18
C ILE G 43 -8.59 -14.41 35.48
C ILE G 43 -8.63 -14.48 35.47
N GLU G 44 -9.33 -14.39 36.60
CA GLU G 44 -8.71 -14.21 37.90
C GLU G 44 -8.22 -15.54 38.48
N ASN G 45 -7.43 -15.44 39.54
CA ASN G 45 -6.93 -16.60 40.26
C ASN G 45 -6.92 -16.27 41.75
N ALA G 46 -7.13 -17.30 42.59
CA ALA G 46 -7.08 -17.10 44.03
C ALA G 46 -5.78 -16.48 44.48
N SER G 47 -4.66 -16.80 43.78
CA SER G 47 -3.44 -16.02 43.93
C SER G 47 -3.55 -14.86 42.94
N TYR G 48 -3.84 -13.66 43.47
CA TYR G 48 -4.28 -12.57 42.58
C TYR G 48 -3.27 -12.25 41.50
N GLY G 49 -1.96 -12.34 41.81
CA GLY G 49 -0.93 -12.02 40.83
C GLY G 49 -0.94 -12.92 39.61
N ALA G 50 -1.62 -14.07 39.64
CA ALA G 50 -1.74 -14.90 38.46
C ALA G 50 -2.92 -14.52 37.57
N THR G 51 -3.68 -13.48 37.93
CA THR G 51 -4.79 -13.00 37.11
C THR G 51 -4.28 -12.52 35.76
N ASN G 52 -5.06 -12.78 34.71
CA ASN G 52 -4.79 -12.25 33.39
C ASN G 52 -5.90 -11.31 32.93
N CYS G 53 -5.51 -10.22 32.29
CA CYS G 53 -6.45 -9.24 31.77
C CYS G 53 -7.08 -9.70 30.44
N GLY G 54 -8.28 -9.21 30.17
CA GLY G 54 -8.96 -9.63 28.95
C GLY G 54 -8.27 -9.25 27.65
N GLU G 55 -7.69 -8.05 27.59
CA GLU G 55 -7.02 -7.66 26.35
C GLU G 55 -5.75 -8.48 26.12
N ARG G 56 -5.07 -8.90 27.20
CA ARG G 56 -3.97 -9.85 27.05
C ARG G 56 -4.49 -11.21 26.58
N SER G 57 -5.60 -11.70 27.15
CA SER G 57 -6.15 -12.97 26.66
C SER G 57 -6.36 -12.92 25.14
N ALA G 58 -6.91 -11.82 24.64
CA ALA G 58 -7.23 -11.74 23.22
C ALA G 58 -5.96 -11.70 22.36
N ILE G 59 -5.00 -10.84 22.71
N ILE G 59 -5.00 -10.85 22.73
CA ILE G 59 -3.82 -10.72 21.87
CA ILE G 59 -3.80 -10.68 21.91
C ILE G 59 -2.96 -11.97 21.95
C ILE G 59 -2.90 -11.92 21.98
N PHE G 60 -2.84 -12.59 23.13
CA PHE G 60 -2.06 -13.82 23.23
C PHE G 60 -2.69 -14.93 22.39
N ALA G 61 -4.03 -14.96 22.32
CA ALA G 61 -4.68 -15.94 21.48
C ALA G 61 -4.32 -15.69 20.02
N ALA G 62 -4.33 -14.43 19.60
CA ALA G 62 -3.99 -14.14 18.21
C ALA G 62 -2.57 -14.59 17.88
N TYR G 63 -1.61 -14.21 18.72
CA TYR G 63 -0.22 -14.54 18.46
C TYR G 63 0.01 -16.04 18.49
N SER G 64 -0.70 -16.75 19.38
CA SER G 64 -0.57 -18.20 19.50
C SER G 64 -1.07 -18.91 18.26
N ASN G 65 -1.88 -18.24 17.44
CA ASN G 65 -2.34 -18.82 16.20
C ASN G 65 -1.57 -18.27 15.01
N GLY G 66 -0.43 -17.62 15.24
CA GLY G 66 0.49 -17.22 14.20
C GLY G 66 0.40 -15.79 13.77
N TYR G 67 -0.58 -15.04 14.25
CA TYR G 67 -0.72 -13.64 13.86
C TYR G 67 0.36 -12.81 14.52
N ARG G 68 0.74 -11.74 13.84
CA ARG G 68 1.73 -10.79 14.33
C ARG G 68 1.18 -9.37 14.21
N ALA G 69 1.98 -8.39 14.64
N ALA G 69 1.95 -8.40 14.69
CA ALA G 69 1.47 -7.05 14.83
CA ALA G 69 1.44 -7.02 14.73
C ALA G 69 0.87 -6.48 13.55
C ALA G 69 0.94 -6.60 13.35
N ASP G 70 1.54 -6.69 12.41
N ASP G 70 1.67 -6.99 12.30
CA ASP G 70 1.04 -6.18 11.13
CA ASP G 70 1.32 -6.58 10.94
C ASP G 70 -0.17 -6.94 10.62
C ASP G 70 0.00 -7.16 10.46
N ASP G 71 -0.44 -8.14 11.15
N ASP G 71 -0.58 -8.11 11.18
CA ASP G 71 -1.64 -8.88 10.81
CA ASP G 71 -1.86 -8.69 10.80
C ASP G 71 -2.87 -8.40 11.56
C ASP G 71 -3.04 -8.14 11.57
N ILE G 72 -2.72 -7.47 12.51
N ILE G 72 -2.81 -7.33 12.60
CA ILE G 72 -3.82 -7.00 13.36
CA ILE G 72 -3.86 -6.94 13.53
C ILE G 72 -4.44 -5.79 12.70
C ILE G 72 -4.47 -5.64 13.06
N GLU G 73 -5.77 -5.68 12.79
CA GLU G 73 -6.49 -4.51 12.32
C GLU G 73 -6.92 -3.58 13.46
N ALA G 74 -7.40 -4.12 14.59
CA ALA G 74 -7.91 -3.25 15.65
C ALA G 74 -8.09 -4.10 16.90
N LEU G 75 -8.16 -3.43 18.05
CA LEU G 75 -8.46 -4.10 19.32
C LEU G 75 -9.54 -3.32 20.03
N ALA G 76 -10.56 -4.00 20.56
CA ALA G 76 -11.58 -3.35 21.36
C ALA G 76 -11.53 -3.89 22.77
N ILE G 77 -11.72 -3.03 23.77
CA ILE G 77 -11.67 -3.40 25.19
C ILE G 77 -12.82 -2.67 25.88
N VAL G 78 -13.66 -3.40 26.63
CA VAL G 78 -14.89 -2.83 27.15
C VAL G 78 -15.12 -3.22 28.59
N THR G 79 -15.88 -2.37 29.27
CA THR G 79 -16.31 -2.59 30.65
C THR G 79 -17.74 -2.10 30.78
N ASP G 80 -18.27 -2.18 32.00
CA ASP G 80 -19.51 -1.48 32.34
C ASP G 80 -19.28 -0.42 33.42
N GLY G 81 -18.07 0.12 33.48
CA GLY G 81 -17.71 1.05 34.52
C GLY G 81 -18.32 2.43 34.33
N ASP G 82 -18.19 3.24 35.39
N ASP G 82 -18.19 3.24 35.39
CA ASP G 82 -18.78 4.57 35.40
CA ASP G 82 -18.79 4.57 35.39
C ASP G 82 -18.09 5.50 34.41
C ASP G 82 -18.08 5.51 34.41
N ARG G 83 -16.80 5.27 34.13
CA ARG G 83 -16.09 6.04 33.12
C ARG G 83 -15.40 5.06 32.16
N VAL G 84 -14.95 5.57 31.02
CA VAL G 84 -14.29 4.71 30.05
C VAL G 84 -12.90 4.39 30.58
N GLY G 85 -12.60 3.10 30.67
CA GLY G 85 -11.31 2.63 31.14
C GLY G 85 -10.33 2.28 30.03
N ALA G 86 -9.05 2.43 30.35
CA ALA G 86 -7.95 2.08 29.47
C ALA G 86 -7.31 0.80 29.96
N PRO G 87 -6.55 0.13 29.10
CA PRO G 87 -5.76 -1.02 29.55
C PRO G 87 -4.85 -0.62 30.70
N CYS G 88 -4.67 -1.53 31.65
CA CYS G 88 -3.79 -1.24 32.78
C CYS G 88 -2.33 -1.20 32.33
N GLY G 89 -1.42 -0.84 33.23
CA GLY G 89 -0.03 -0.69 32.85
C GLY G 89 0.60 -1.98 32.37
N ILE G 90 0.21 -3.11 32.96
CA ILE G 90 0.76 -4.39 32.48
C ILE G 90 0.40 -4.58 31.00
N CYS G 91 -0.87 -4.37 30.69
CA CYS G 91 -1.36 -4.57 29.33
C CYS G 91 -0.75 -3.57 28.39
N ARG G 92 -0.50 -2.35 28.86
CA ARG G 92 0.17 -1.36 28.01
C ARG G 92 1.58 -1.84 27.65
N GLN G 93 2.28 -2.43 28.61
CA GLN G 93 3.61 -2.95 28.31
C GLN G 93 3.54 -4.03 27.25
N VAL G 94 2.58 -4.94 27.35
CA VAL G 94 2.41 -5.98 26.35
C VAL G 94 2.04 -5.39 24.99
N LEU G 95 1.03 -4.52 24.97
CA LEU G 95 0.59 -3.94 23.71
C LEU G 95 1.68 -3.10 23.04
N SER G 96 2.56 -2.48 23.83
N SER G 96 2.57 -2.48 23.82
CA SER G 96 3.67 -1.71 23.29
CA SER G 96 3.64 -1.69 23.22
C SER G 96 4.55 -2.59 22.40
C SER G 96 4.63 -2.56 22.46
N GLU G 97 4.70 -3.85 22.76
CA GLU G 97 5.50 -4.78 21.99
C GLU G 97 4.72 -5.48 20.89
N LEU G 98 3.43 -5.76 21.12
CA LEU G 98 2.71 -6.64 20.23
C LEU G 98 1.81 -5.92 19.24
N LEU G 99 1.58 -4.62 19.39
CA LEU G 99 0.80 -3.85 18.42
C LEU G 99 1.70 -2.85 17.73
N ASN G 100 1.34 -2.49 16.48
CA ASN G 100 1.94 -1.33 15.85
C ASN G 100 1.42 -0.03 16.47
N ASP G 101 2.14 1.05 16.21
N ASP G 101 2.21 1.04 16.28
CA ASP G 101 1.71 2.37 16.69
CA ASP G 101 2.07 2.26 17.06
C ASP G 101 0.41 2.83 16.03
C ASP G 101 0.67 2.83 16.98
N ASN G 102 0.07 2.31 14.85
N ASN G 102 0.05 2.80 15.80
CA ASN G 102 -1.11 2.81 14.15
CA ASN G 102 -1.19 3.50 15.53
C ASN G 102 -2.37 1.96 14.34
C ASN G 102 -2.37 2.56 15.32
N THR G 103 -2.28 0.86 15.08
N THR G 103 -2.24 1.29 15.66
CA THR G 103 -3.44 -0.01 15.28
CA THR G 103 -3.36 0.38 15.58
C THR G 103 -4.38 0.62 16.31
C THR G 103 -4.48 0.87 16.51
N PRO G 104 -5.65 0.87 15.95
N PRO G 104 -5.71 1.01 16.01
CA PRO G 104 -6.54 1.54 16.91
CA PRO G 104 -6.77 1.58 16.85
C PRO G 104 -6.96 0.64 18.05
C PRO G 104 -7.11 0.66 18.02
N ILE G 105 -7.17 1.25 19.21
CA ILE G 105 -7.67 0.58 20.40
C ILE G 105 -8.97 1.28 20.75
N TYR G 106 -10.08 0.57 20.63
CA TYR G 106 -11.37 1.16 20.91
C TYR G 106 -11.75 0.80 22.34
N LEU G 107 -12.20 1.79 23.09
CA LEU G 107 -12.51 1.63 24.51
C LEU G 107 -13.94 2.07 24.71
N SER G 108 -14.72 1.30 25.45
CA SER G 108 -16.10 1.70 25.71
C SER G 108 -16.58 1.11 27.04
N ASN G 109 -17.38 1.91 27.75
CA ASN G 109 -18.06 1.44 28.95
C ASN G 109 -19.54 1.22 28.72
N GLY G 110 -19.95 1.16 27.46
CA GLY G 110 -21.35 1.00 27.16
C GLY G 110 -22.12 2.30 27.06
N LYS G 111 -21.56 3.41 27.56
CA LYS G 111 -22.18 4.73 27.46
C LYS G 111 -21.40 5.69 26.59
N GLU G 112 -20.07 5.60 26.64
N GLU G 112 -20.07 5.64 26.69
CA GLU G 112 -19.17 6.48 25.92
CA GLU G 112 -19.19 6.47 25.87
C GLU G 112 -18.09 5.61 25.27
C GLU G 112 -18.16 5.56 25.20
N THR G 113 -17.52 6.10 24.17
CA THR G 113 -16.49 5.38 23.43
C THR G 113 -15.30 6.31 23.17
N LEU G 114 -14.10 5.76 23.29
CA LEU G 114 -12.87 6.48 22.98
C LEU G 114 -12.04 5.63 22.04
N GLU G 115 -11.14 6.29 21.32
CA GLU G 115 -10.20 5.62 20.45
C GLU G 115 -8.80 6.10 20.83
N LYS G 116 -7.91 5.16 21.07
CA LYS G 116 -6.54 5.46 21.48
C LYS G 116 -5.58 4.61 20.64
N THR G 117 -4.31 4.97 20.69
CA THR G 117 -3.25 4.12 20.20
C THR G 117 -2.27 3.88 21.34
N ILE G 118 -1.42 2.87 21.16
CA ILE G 118 -0.55 2.50 22.29
C ILE G 118 0.41 3.63 22.61
N ASP G 119 0.87 4.39 21.60
CA ASP G 119 1.75 5.52 21.87
C ASP G 119 1.11 6.55 22.79
N GLU G 120 -0.19 6.81 22.61
N GLU G 120 -0.20 6.80 22.62
CA GLU G 120 -0.89 7.75 23.48
CA GLU G 120 -0.88 7.76 23.47
C GLU G 120 -0.94 7.27 24.92
C GLU G 120 -0.98 7.27 24.92
N LEU G 121 -1.03 5.95 25.11
CA LEU G 121 -1.24 5.40 26.45
C LEU G 121 0.06 5.14 27.22
N LEU G 122 1.21 5.13 26.57
CA LEU G 122 2.44 4.73 27.24
C LEU G 122 3.58 5.61 26.74
N PRO G 123 3.85 6.72 27.42
CA PRO G 123 5.01 7.54 27.07
C PRO G 123 6.31 6.82 27.44
N MET G 124 7.42 7.24 26.83
CA MET G 124 8.77 6.75 27.16
C MET G 124 8.81 5.23 27.20
N ARG G 125 8.45 4.61 26.09
CA ARG G 125 8.37 3.15 26.03
C ARG G 125 9.74 2.51 26.13
N PHE G 126 9.81 1.41 26.86
CA PHE G 126 10.98 0.53 26.83
C PHE G 126 10.72 -0.55 25.79
N THR G 127 11.57 -0.60 24.77
CA THR G 127 11.27 -1.40 23.58
C THR G 127 12.26 -2.53 23.41
N LYS G 128 11.88 -3.45 22.51
CA LYS G 128 12.77 -4.53 22.10
C LYS G 128 14.14 -4.00 21.72
N GLU G 129 14.19 -2.89 20.97
CA GLU G 129 15.48 -2.35 20.54
C GLU G 129 16.27 -1.80 21.71
N ASP G 130 15.60 -1.20 22.70
CA ASP G 130 16.33 -0.76 23.88
C ASP G 130 17.05 -1.92 24.55
N LEU G 131 16.43 -3.09 24.60
CA LEU G 131 17.04 -4.23 25.24
C LEU G 131 18.09 -4.87 24.33
N LEU G 132 17.72 -5.14 23.07
CA LEU G 132 18.68 -5.84 22.19
C LEU G 132 19.92 -5.01 21.91
N GLY G 133 19.83 -3.68 21.96
CA GLY G 133 20.99 -2.86 21.71
C GLY G 133 21.81 -2.54 22.94
N HIS G 134 21.43 -3.04 24.11
CA HIS G 134 22.08 -2.67 25.34
C HIS G 134 23.49 -3.24 25.38
N HIS G 135 24.48 -2.37 25.55
CA HIS G 135 25.89 -2.77 25.61
C HIS G 135 26.31 -3.57 24.38
N MET H 1 -10.53 -36.76 19.29
CA MET H 1 -9.11 -36.57 19.05
C MET H 1 -8.28 -37.40 20.01
N ASN H 2 -7.31 -38.15 19.48
CA ASN H 2 -6.46 -38.98 20.32
C ASN H 2 -5.29 -38.15 20.88
N LYS H 3 -4.54 -38.79 21.78
CA LYS H 3 -3.41 -38.11 22.42
C LYS H 3 -2.35 -37.69 21.42
N GLU H 4 -2.05 -38.56 20.44
CA GLU H 4 -1.03 -38.21 19.46
C GLU H 4 -1.45 -37.01 18.62
N ASP H 5 -2.72 -36.94 18.24
CA ASP H 5 -3.18 -35.80 17.45
C ASP H 5 -3.18 -34.52 18.27
N LEU H 6 -3.50 -34.61 19.57
CA LEU H 6 -3.46 -33.43 20.42
C LEU H 6 -2.03 -32.93 20.57
N LEU H 7 -1.08 -33.86 20.75
CA LEU H 7 0.32 -33.46 20.81
C LEU H 7 0.76 -32.79 19.51
N LYS H 8 0.31 -33.32 18.36
CA LYS H 8 0.64 -32.69 17.09
C LYS H 8 0.15 -31.24 17.04
N LYS H 9 -1.06 -30.98 17.56
N LYS H 9 -1.05 -30.97 17.58
CA LYS H 9 -1.53 -29.60 17.61
CA LYS H 9 -1.54 -29.60 17.61
C LYS H 9 -0.63 -28.73 18.49
C LYS H 9 -0.66 -28.73 18.49
N ALA H 10 -0.18 -29.26 19.63
CA ALA H 10 0.71 -28.48 20.47
C ALA H 10 2.04 -28.22 19.77
N PHE H 11 2.56 -29.20 19.02
CA PHE H 11 3.78 -28.94 18.24
C PHE H 11 3.54 -27.87 17.17
N GLU H 12 2.36 -27.86 16.56
N GLU H 12 2.35 -27.84 16.57
CA GLU H 12 2.01 -26.76 15.66
CA GLU H 12 2.01 -26.76 15.65
C GLU H 12 2.03 -25.43 16.39
C GLU H 12 1.99 -25.41 16.36
N ALA H 13 1.44 -25.37 17.58
CA ALA H 13 1.44 -24.13 18.35
C ALA H 13 2.86 -23.68 18.66
N MET H 14 3.75 -24.62 18.96
N MET H 14 3.74 -24.62 18.95
CA MET H 14 5.13 -24.25 19.30
CA MET H 14 5.12 -24.31 19.29
C MET H 14 5.76 -23.41 18.20
C MET H 14 5.79 -23.47 18.20
N GLU H 15 5.44 -23.71 16.94
CA GLU H 15 5.99 -22.92 15.84
C GLU H 15 5.46 -21.50 15.79
N ASN H 16 4.41 -21.17 16.55
CA ASN H 16 3.88 -19.81 16.62
C ASN H 16 4.42 -19.00 17.78
N ALA H 17 5.34 -19.56 18.57
CA ALA H 17 5.86 -18.84 19.72
C ALA H 17 6.52 -17.53 19.31
N TYR H 18 6.41 -16.53 20.18
CA TYR H 18 7.07 -15.24 20.04
C TYR H 18 8.07 -15.14 21.19
N ALA H 19 9.31 -15.53 20.91
CA ALA H 19 10.35 -15.63 21.94
C ALA H 19 11.64 -14.97 21.41
N PRO H 20 11.59 -13.68 21.12
CA PRO H 20 12.80 -13.02 20.57
C PRO H 20 13.96 -12.93 21.54
N TYR H 21 13.72 -13.09 22.85
CA TYR H 21 14.78 -12.89 23.82
C TYR H 21 15.44 -14.21 24.20
N SER H 22 14.65 -15.24 24.53
CA SER H 22 15.22 -16.53 24.91
C SER H 22 15.43 -17.47 23.74
N ASN H 23 14.67 -17.30 22.67
CA ASN H 23 14.56 -18.27 21.59
C ASN H 23 14.08 -19.65 22.05
N TYR H 24 13.41 -19.72 23.21
CA TYR H 24 12.89 -20.98 23.75
C TYR H 24 11.41 -21.03 23.40
N HIS H 25 11.00 -22.07 22.67
N HIS H 25 11.00 -22.06 22.67
CA HIS H 25 9.64 -22.16 22.16
CA HIS H 25 9.64 -22.15 22.16
C HIS H 25 8.83 -23.21 22.91
C HIS H 25 8.84 -23.21 22.90
N VAL H 26 7.62 -22.85 23.31
CA VAL H 26 6.71 -23.76 23.97
C VAL H 26 5.39 -23.74 23.21
N GLY H 27 4.81 -24.90 22.98
CA GLY H 27 3.48 -24.98 22.40
C GLY H 27 2.52 -25.69 23.32
N ALA H 28 1.25 -25.31 23.20
CA ALA H 28 0.22 -25.95 24.01
C ALA H 28 -1.06 -26.03 23.19
N CYS H 29 -1.90 -27.01 23.52
CA CYS H 29 -3.22 -27.09 22.93
C CYS H 29 -4.18 -27.56 24.00
N ALA H 30 -5.23 -26.79 24.23
CA ALA H 30 -6.31 -27.19 25.13
C ALA H 30 -7.43 -27.76 24.29
N LEU H 31 -7.84 -29.00 24.59
CA LEU H 31 -8.90 -29.68 23.85
C LEU H 31 -10.17 -29.66 24.70
N MET H 32 -11.25 -29.17 24.11
CA MET H 32 -12.56 -29.14 24.78
C MET H 32 -13.29 -30.45 24.54
N LYS H 33 -14.19 -30.80 25.47
CA LYS H 33 -15.00 -32.00 25.31
C LYS H 33 -15.83 -31.96 24.02
N ASP H 34 -16.20 -30.77 23.54
CA ASP H 34 -16.97 -30.66 22.31
C ASP H 34 -16.11 -30.75 21.05
N GLY H 35 -14.78 -30.93 21.20
CA GLY H 35 -13.88 -31.10 20.09
C GLY H 35 -13.13 -29.86 19.69
N THR H 36 -13.54 -28.69 20.17
CA THR H 36 -12.84 -27.45 19.86
C THR H 36 -11.43 -27.47 20.45
N THR H 37 -10.46 -26.92 19.72
CA THR H 37 -9.12 -26.79 20.22
C THR H 37 -8.71 -25.32 20.33
N PHE H 38 -7.84 -25.03 21.29
CA PHE H 38 -7.25 -23.70 21.45
C PHE H 38 -5.74 -23.85 21.54
N LEU H 39 -5.04 -23.27 20.57
CA LEU H 39 -3.58 -23.25 20.62
C LEU H 39 -3.07 -22.20 21.59
N GLY H 40 -1.88 -22.44 22.13
CA GLY H 40 -1.21 -21.47 22.94
C GLY H 40 0.28 -21.55 22.68
N ALA H 41 0.96 -20.42 22.72
CA ALA H 41 2.41 -20.39 22.57
C ALA H 41 2.93 -19.33 23.53
N ASN H 42 4.20 -19.46 23.91
CA ASN H 42 4.77 -18.45 24.78
C ASN H 42 5.01 -17.15 24.01
N ILE H 43 4.81 -16.02 24.71
N ILE H 43 4.88 -16.03 24.73
CA ILE H 43 4.89 -14.69 24.15
CA ILE H 43 4.90 -14.69 24.14
C ILE H 43 5.72 -13.88 25.13
C ILE H 43 5.69 -13.77 25.08
N GLU H 44 6.94 -13.53 24.71
CA GLU H 44 7.84 -12.75 25.54
C GLU H 44 7.63 -11.26 25.36
N ASN H 45 8.26 -10.50 26.25
CA ASN H 45 8.23 -9.03 26.25
C ASN H 45 9.59 -8.54 26.69
N ALA H 46 9.98 -7.37 26.15
CA ALA H 46 11.23 -6.74 26.54
C ALA H 46 11.30 -6.53 28.05
N SER H 47 10.17 -6.25 28.69
CA SER H 47 10.09 -6.33 30.15
C SER H 47 9.75 -7.78 30.46
N TYR H 48 10.75 -8.54 30.93
CA TYR H 48 10.59 -9.99 30.97
C TYR H 48 9.40 -10.44 31.80
N GLY H 49 9.09 -9.72 32.89
CA GLY H 49 7.97 -10.10 33.74
C GLY H 49 6.60 -10.03 33.06
N ALA H 50 6.49 -9.39 31.89
CA ALA H 50 5.25 -9.37 31.14
C ALA H 50 5.11 -10.56 30.20
N THR H 51 6.10 -11.47 30.16
CA THR H 51 6.03 -12.66 29.34
C THR H 51 4.88 -13.56 29.75
N ASN H 52 4.24 -14.21 28.77
CA ASN H 52 3.18 -15.18 29.05
C ASN H 52 3.62 -16.54 28.55
N CYS H 53 3.27 -17.58 29.29
CA CYS H 53 3.57 -18.95 28.92
C CYS H 53 2.54 -19.51 27.95
N GLY H 54 2.97 -20.49 27.16
CA GLY H 54 2.09 -21.06 26.15
C GLY H 54 0.86 -21.75 26.71
N GLU H 55 1.02 -22.46 27.82
CA GLU H 55 -0.15 -23.16 28.35
C GLU H 55 -1.16 -22.19 28.96
N ARG H 56 -0.69 -21.05 29.49
CA ARG H 56 -1.61 -19.98 29.87
C ARG H 56 -2.31 -19.38 28.66
N SER H 57 -1.56 -19.11 27.57
CA SER H 57 -2.22 -18.61 26.36
C SER H 57 -3.39 -19.49 25.96
N ALA H 58 -3.18 -20.81 25.97
CA ALA H 58 -4.21 -21.73 25.49
C ALA H 58 -5.41 -21.73 26.43
N ILE H 59 -5.19 -21.87 27.74
CA ILE H 59 -6.31 -21.98 28.67
C ILE H 59 -7.06 -20.65 28.79
N PHE H 60 -6.36 -19.53 28.71
CA PHE H 60 -7.06 -18.24 28.75
C PHE H 60 -7.92 -18.06 27.51
N ALA H 61 -7.45 -18.56 26.36
CA ALA H 61 -8.26 -18.48 25.16
C ALA H 61 -9.53 -19.31 25.31
N ALA H 62 -9.42 -20.51 25.89
CA ALA H 62 -10.59 -21.35 26.06
C ALA H 62 -11.61 -20.67 26.98
N TYR H 63 -11.14 -20.16 28.13
CA TYR H 63 -12.05 -19.51 29.06
C TYR H 63 -12.66 -18.26 28.45
N SER H 64 -11.89 -17.53 27.63
CA SER H 64 -12.39 -16.29 27.04
C SER H 64 -13.51 -16.57 26.03
N ASN H 65 -13.62 -17.80 25.57
CA ASN H 65 -14.67 -18.21 24.66
C ASN H 65 -15.79 -18.96 25.38
N GLY H 66 -15.80 -18.90 26.71
CA GLY H 66 -16.90 -19.39 27.53
C GLY H 66 -16.72 -20.80 28.05
N TYR H 67 -15.64 -21.49 27.75
CA TYR H 67 -15.41 -22.81 28.30
C TYR H 67 -14.94 -22.70 29.74
N ARG H 68 -15.29 -23.72 30.53
CA ARG H 68 -14.93 -23.80 31.94
C ARG H 68 -14.32 -25.17 32.19
N ALA H 69 -13.87 -25.39 33.44
CA ALA H 69 -13.13 -26.61 33.77
C ALA H 69 -13.87 -27.85 33.33
N ASP H 70 -15.17 -27.91 33.61
CA ASP H 70 -15.94 -29.11 33.32
C ASP H 70 -16.06 -29.36 31.83
N ASP H 71 -15.73 -28.37 30.99
CA ASP H 71 -15.83 -28.49 29.56
C ASP H 71 -14.51 -28.89 28.89
N ILE H 72 -13.43 -28.98 29.66
N ILE H 72 -13.44 -29.02 29.65
CA ILE H 72 -12.10 -29.29 29.13
CA ILE H 72 -12.10 -29.26 29.08
C ILE H 72 -11.94 -30.80 29.10
C ILE H 72 -11.81 -30.75 29.15
N GLU H 73 -11.35 -31.30 28.02
CA GLU H 73 -11.01 -32.72 27.91
C GLU H 73 -9.56 -32.99 28.28
N ALA H 74 -8.63 -32.19 27.77
CA ALA H 74 -7.22 -32.48 27.99
C ALA H 74 -6.41 -31.24 27.63
N LEU H 75 -5.16 -31.21 28.11
CA LEU H 75 -4.23 -30.15 27.76
C LEU H 75 -2.91 -30.81 27.38
N ALA H 76 -2.29 -30.37 26.28
CA ALA H 76 -0.95 -30.84 25.91
C ALA H 76 0.00 -29.66 25.92
N ILE H 77 1.23 -29.89 26.39
CA ILE H 77 2.25 -28.85 26.48
C ILE H 77 3.55 -29.46 26.02
N VAL H 78 4.21 -28.83 25.07
CA VAL H 78 5.36 -29.45 24.42
C VAL H 78 6.53 -28.48 24.28
N THR H 79 7.73 -29.06 24.21
CA THR H 79 8.95 -28.34 23.91
C THR H 79 9.80 -29.21 22.99
N ASP H 80 11.00 -28.72 22.64
CA ASP H 80 12.02 -29.58 22.03
C ASP H 80 13.26 -29.69 22.92
N GLY H 81 13.06 -29.61 24.23
CA GLY H 81 14.15 -29.65 25.18
C GLY H 81 14.73 -31.04 25.38
N ASP H 82 15.88 -31.07 26.06
N ASP H 82 15.88 -31.08 26.05
CA ASP H 82 16.60 -32.32 26.27
CA ASP H 82 16.57 -32.36 26.23
C ASP H 82 15.87 -33.27 27.22
C ASP H 82 15.86 -33.28 27.21
N ARG H 83 14.98 -32.76 28.06
CA ARG H 83 14.16 -33.60 28.91
C ARG H 83 12.73 -33.08 28.86
N VAL H 84 11.79 -33.89 29.34
CA VAL H 84 10.39 -33.49 29.31
C VAL H 84 10.17 -32.43 30.38
N GLY H 85 9.62 -31.28 29.98
CA GLY H 85 9.35 -30.19 30.88
C GLY H 85 7.92 -30.18 31.37
N ALA H 86 7.74 -29.65 32.56
CA ALA H 86 6.44 -29.43 33.15
C ALA H 86 6.10 -27.94 33.10
N PRO H 87 4.82 -27.58 33.24
CA PRO H 87 4.47 -26.17 33.38
C PRO H 87 5.22 -25.56 34.55
N CYS H 88 5.61 -24.28 34.40
CA CYS H 88 6.29 -23.59 35.48
C CYS H 88 5.31 -23.34 36.64
N GLY H 89 5.84 -22.83 37.76
CA GLY H 89 5.00 -22.65 38.93
C GLY H 89 3.85 -21.68 38.71
N ILE H 90 4.08 -20.62 37.90
CA ILE H 90 2.98 -19.69 37.60
C ILE H 90 1.83 -20.44 36.93
N CYS H 91 2.17 -21.21 35.91
CA CYS H 91 1.17 -21.95 35.16
C CYS H 91 0.51 -23.01 36.01
N ARG H 92 1.23 -23.63 36.93
CA ARG H 92 0.60 -24.58 37.82
C ARG H 92 -0.45 -23.91 38.71
N GLN H 93 -0.14 -22.69 39.17
CA GLN H 93 -1.12 -21.97 39.99
C GLN H 93 -2.39 -21.69 39.18
N VAL H 94 -2.24 -21.32 37.90
CA VAL H 94 -3.40 -21.09 37.04
C VAL H 94 -4.16 -22.39 36.80
N LEU H 95 -3.45 -23.46 36.43
CA LEU H 95 -4.13 -24.71 36.11
C LEU H 95 -4.79 -25.31 37.33
N SER H 96 -4.24 -25.07 38.53
N SER H 96 -4.24 -25.10 38.53
CA SER H 96 -4.88 -25.50 39.78
CA SER H 96 -4.83 -25.71 39.72
C SER H 96 -6.27 -24.94 39.93
C SER H 96 -6.22 -25.17 40.00
N GLU H 97 -6.48 -23.72 39.46
N GLU H 97 -6.57 -24.02 39.44
CA GLU H 97 -7.81 -23.13 39.52
CA GLU H 97 -7.89 -23.46 39.61
C GLU H 97 -8.70 -23.54 38.35
C GLU H 97 -8.73 -23.52 38.34
N LEU H 98 -8.12 -23.67 37.16
CA LEU H 98 -8.89 -23.70 35.92
C LEU H 98 -9.11 -25.11 35.38
N LEU H 99 -8.44 -26.13 35.92
CA LEU H 99 -8.64 -27.51 35.48
C LEU H 99 -9.20 -28.31 36.63
N ASN H 100 -10.03 -29.30 36.31
CA ASN H 100 -10.40 -30.31 37.28
C ASN H 100 -9.28 -31.33 37.48
N ASP H 101 -9.41 -32.11 38.57
CA ASP H 101 -8.35 -33.02 39.00
C ASP H 101 -8.23 -34.25 38.11
N ASN H 102 -9.22 -34.55 37.27
CA ASN H 102 -9.18 -35.67 36.37
C ASN H 102 -8.73 -35.30 34.96
N THR H 103 -8.43 -34.04 34.69
CA THR H 103 -8.11 -33.66 33.31
C THR H 103 -6.66 -34.00 33.03
N PRO H 104 -6.36 -34.81 32.01
CA PRO H 104 -4.95 -35.15 31.73
C PRO H 104 -4.18 -33.97 31.14
N ILE H 105 -2.94 -33.87 31.58
CA ILE H 105 -1.98 -32.92 31.02
C ILE H 105 -0.89 -33.76 30.39
N TYR H 106 -0.77 -33.70 29.08
CA TYR H 106 0.26 -34.45 28.34
C TYR H 106 1.47 -33.55 28.13
N LEU H 107 2.64 -34.08 28.45
CA LEU H 107 3.89 -33.33 28.33
C LEU H 107 4.80 -34.08 27.38
N SER H 108 5.40 -33.40 26.41
CA SER H 108 6.31 -34.10 25.53
C SER H 108 7.40 -33.18 25.05
N ASN H 109 8.61 -33.73 24.88
CA ASN H 109 9.70 -33.02 24.24
C ASN H 109 9.97 -33.57 22.84
N GLY H 110 9.04 -34.35 22.29
CA GLY H 110 9.23 -35.00 21.02
C GLY H 110 9.97 -36.32 21.09
N LYS H 111 10.64 -36.62 22.19
CA LYS H 111 11.33 -37.90 22.38
C LYS H 111 10.68 -38.79 23.42
N GLU H 112 10.07 -38.19 24.44
CA GLU H 112 9.34 -38.93 25.46
C GLU H 112 8.06 -38.15 25.77
N THR H 113 7.07 -38.85 26.31
CA THR H 113 5.78 -38.25 26.64
C THR H 113 5.35 -38.73 28.03
N LEU H 114 4.90 -37.80 28.86
CA LEU H 114 4.39 -38.08 30.20
C LEU H 114 2.96 -37.61 30.29
N GLU H 115 2.18 -38.24 31.16
CA GLU H 115 0.83 -37.81 31.47
C GLU H 115 0.77 -37.45 32.95
N LYS H 116 0.23 -36.26 33.25
CA LYS H 116 0.10 -35.81 34.62
C LYS H 116 -1.30 -35.28 34.85
N THR H 117 -1.68 -35.14 36.11
CA THR H 117 -2.81 -34.30 36.50
C THR H 117 -2.27 -33.18 37.38
N ILE H 118 -3.09 -32.14 37.57
CA ILE H 118 -2.57 -30.95 38.21
C ILE H 118 -2.19 -31.23 39.67
N ASP H 119 -2.91 -32.14 40.33
CA ASP H 119 -2.57 -32.43 41.71
C ASP H 119 -1.17 -33.02 41.85
N GLU H 120 -0.71 -33.79 40.86
CA GLU H 120 0.64 -34.34 40.90
C GLU H 120 1.71 -33.26 40.79
N LEU H 121 1.40 -32.14 40.16
CA LEU H 121 2.39 -31.10 39.92
C LEU H 121 2.41 -30.02 40.99
N LEU H 122 1.39 -29.95 41.86
CA LEU H 122 1.31 -28.84 42.81
C LEU H 122 0.77 -29.34 44.14
N PRO H 123 1.64 -29.77 45.05
N PRO H 123 1.63 -29.76 45.05
CA PRO H 123 1.16 -30.14 46.39
CA PRO H 123 1.16 -30.15 46.39
C PRO H 123 0.61 -28.92 47.11
C PRO H 123 0.69 -28.93 47.17
N MET H 124 -0.17 -29.17 48.16
CA MET H 124 -0.61 -28.12 49.09
C MET H 124 -1.17 -26.90 48.36
N ARG H 125 -2.16 -27.14 47.52
CA ARG H 125 -2.69 -26.08 46.67
C ARG H 125 -3.46 -25.05 47.49
N PHE H 126 -3.32 -23.79 47.11
CA PHE H 126 -4.15 -22.72 47.64
C PHE H 126 -5.28 -22.50 46.65
N THR H 127 -6.51 -22.75 47.11
CA THR H 127 -7.66 -22.85 46.23
C THR H 127 -8.61 -21.67 46.41
N LYS H 128 -9.54 -21.58 45.46
CA LYS H 128 -10.63 -20.60 45.54
C LYS H 128 -11.33 -20.69 46.88
N GLU H 129 -11.64 -21.91 47.33
CA GLU H 129 -12.38 -21.94 48.59
C GLU H 129 -11.50 -21.62 49.79
N ASP H 130 -10.19 -21.84 49.73
CA ASP H 130 -9.32 -21.37 50.81
C ASP H 130 -9.41 -19.86 50.96
N LEU H 131 -9.56 -19.15 49.86
CA LEU H 131 -9.70 -17.69 49.91
C LEU H 131 -11.14 -17.30 50.26
N LEU H 132 -12.13 -17.84 49.55
CA LEU H 132 -13.49 -17.38 49.76
C LEU H 132 -14.02 -17.82 51.13
N GLY H 133 -13.50 -18.91 51.68
CA GLY H 133 -13.91 -19.35 53.01
C GLY H 133 -13.18 -18.68 54.14
N HIS H 134 -12.26 -17.76 53.86
CA HIS H 134 -11.43 -17.13 54.87
C HIS H 134 -12.26 -16.14 55.67
#